data_4ERQ
#
_entry.id   4ERQ
#
_cell.length_a   139.780
_cell.length_b   80.790
_cell.length_c   88.120
_cell.angle_alpha   90.000
_cell.angle_beta   90.1970
_cell.angle_gamma   90.000
#
_symmetry.space_group_name_H-M   'C 1 2 1'
#
loop_
_entity.id
_entity.type
_entity.pdbx_description
1 polymer 'WD repeat-containing protein 5'
2 polymer 'Histone-lysine N-methyltransferase MLL2'
3 water water
#
loop_
_entity_poly.entity_id
_entity_poly.type
_entity_poly.pdbx_seq_one_letter_code
_entity_poly.pdbx_strand_id
1 'polypeptide(L)'
;ATQSKPTPVKPNYALKFTLAGHTKAVSSVKFSPNGEWLASSSADKLIKIWGAYDGKFEKTISGHKLGISDVAWSSDSNLL
VSASDDKTLKIWDVSSGKCLKTLKGHSNYVFCCNFNPQSNLIVSGSFDESVRIWDVKTGKCLKTLPAHSDPVSAVHFNRD
GSLIVSSSYDGLCRIWDTASGQCLKTLIDDDNPPVSFVKFSPNGKYILAATLDNTLKLWDYSKGKCLKTYTGHKNEKYCI
FANFSVTGGKWIVSGSEDNLVYIWNLQTKEIVQKLQGHTDVVISTACHPTENIIASAALENDKTIKLWKSDC
;
A,B,C
2 'polypeptide(L)' INPTGCARSEPKIL D,E,F
#
# COMPACT_ATOMS: atom_id res chain seq x y z
N VAL A 9 9.05 3.11 -27.49
CA VAL A 9 8.20 4.21 -27.05
C VAL A 9 7.25 3.79 -25.91
N LYS A 10 7.18 4.60 -24.86
CA LYS A 10 6.28 4.34 -23.74
C LYS A 10 5.49 5.59 -23.39
N PRO A 11 4.30 5.43 -22.79
CA PRO A 11 3.51 6.61 -22.47
C PRO A 11 4.08 7.30 -21.24
N ASN A 12 3.64 8.52 -20.97
CA ASN A 12 4.12 9.23 -19.78
C ASN A 12 2.97 9.78 -18.95
N TYR A 13 2.01 8.91 -18.61
CA TYR A 13 0.89 9.33 -17.78
C TYR A 13 1.35 9.93 -16.46
N ALA A 14 0.79 11.10 -16.13
CA ALA A 14 1.08 11.77 -14.86
C ALA A 14 -0.21 12.26 -14.22
N LEU A 15 -0.25 12.25 -12.89
CA LEU A 15 -1.45 12.64 -12.16
C LEU A 15 -1.82 14.11 -12.38
N LYS A 16 -3.07 14.36 -12.75
CA LYS A 16 -3.53 15.73 -12.96
C LYS A 16 -4.54 16.20 -11.92
N PHE A 17 -5.56 15.38 -11.67
CA PHE A 17 -6.61 15.75 -10.73
C PHE A 17 -6.96 14.57 -9.85
N THR A 18 -7.36 14.86 -8.62
CA THR A 18 -7.94 13.84 -7.76
C THR A 18 -9.35 14.29 -7.44
N LEU A 19 -10.33 13.43 -7.72
CA LEU A 19 -11.74 13.81 -7.57
C LEU A 19 -12.32 13.19 -6.31
N ALA A 20 -12.63 14.03 -5.33
CA ALA A 20 -13.08 13.56 -4.04
C ALA A 20 -14.53 13.95 -3.86
N GLY A 21 -15.31 13.04 -3.27
CA GLY A 21 -16.70 13.34 -3.00
C GLY A 21 -17.53 12.16 -2.55
N HIS A 22 -17.28 11.00 -3.14
CA HIS A 22 -17.98 9.78 -2.73
C HIS A 22 -17.58 9.45 -1.29
N THR A 23 -18.48 8.85 -0.52
CA THR A 23 -18.24 8.58 0.90
C THR A 23 -18.00 7.09 1.17
N LYS A 24 -18.07 6.27 0.12
CA LYS A 24 -17.72 4.87 0.22
C LYS A 24 -16.87 4.48 -0.99
N ALA A 25 -16.55 3.20 -1.12
CA ALA A 25 -15.77 2.72 -2.27
C ALA A 25 -16.34 3.23 -3.58
N VAL A 26 -15.48 3.58 -4.51
CA VAL A 26 -15.95 3.88 -5.86
C VAL A 26 -15.88 2.55 -6.60
N SER A 27 -16.87 2.25 -7.42
CA SER A 27 -16.91 0.94 -8.07
C SER A 27 -16.59 0.96 -9.57
N SER A 28 -16.89 2.06 -10.24
CA SER A 28 -16.73 2.12 -11.69
C SER A 28 -16.69 3.55 -12.20
N VAL A 29 -15.74 3.85 -13.08
CA VAL A 29 -15.70 5.13 -13.79
C VAL A 29 -15.75 4.90 -15.31
N LYS A 30 -16.45 5.79 -16.03
CA LYS A 30 -16.62 5.68 -17.48
C LYS A 30 -16.66 7.08 -18.08
N PHE A 31 -15.96 7.29 -19.20
CA PHE A 31 -16.06 8.57 -19.91
C PHE A 31 -17.25 8.60 -20.87
N SER A 32 -17.97 9.72 -20.96
CA SER A 32 -19.02 9.86 -21.98
C SER A 32 -18.43 9.77 -23.39
N PRO A 33 -19.20 9.19 -24.33
CA PRO A 33 -18.74 9.05 -25.71
C PRO A 33 -18.36 10.38 -26.33
N ASN A 34 -19.05 11.46 -25.97
CA ASN A 34 -18.70 12.78 -26.50
C ASN A 34 -17.49 13.43 -25.83
N GLY A 35 -16.93 12.76 -24.83
CA GLY A 35 -15.69 13.21 -24.23
C GLY A 35 -15.81 14.32 -23.19
N GLU A 36 -17.04 14.77 -22.91
CA GLU A 36 -17.23 15.91 -22.01
C GLU A 36 -17.20 15.55 -20.53
N TRP A 37 -17.65 14.35 -20.21
CA TRP A 37 -17.91 13.99 -18.82
C TRP A 37 -17.25 12.68 -18.38
N LEU A 38 -17.10 12.53 -17.06
CA LEU A 38 -16.79 11.25 -16.43
C LEU A 38 -17.92 10.93 -15.46
N ALA A 39 -18.49 9.73 -15.57
CA ALA A 39 -19.48 9.26 -14.60
C ALA A 39 -18.81 8.28 -13.64
N SER A 40 -19.15 8.37 -12.36
CA SER A 40 -18.66 7.42 -11.39
C SER A 40 -19.83 6.84 -10.61
N SER A 41 -19.75 5.54 -10.31
CA SER A 41 -20.72 4.89 -9.46
C SER A 41 -20.03 4.48 -8.17
N SER A 42 -20.80 4.37 -7.08
CA SER A 42 -20.19 4.09 -5.78
C SER A 42 -21.07 3.23 -4.87
N ALA A 43 -20.42 2.57 -3.93
CA ALA A 43 -21.08 1.84 -2.87
C ALA A 43 -21.93 2.76 -2.00
N ASP A 44 -21.75 4.08 -2.14
CA ASP A 44 -22.53 5.05 -1.36
C ASP A 44 -23.90 5.33 -1.99
N LYS A 45 -24.31 4.51 -2.96
CA LYS A 45 -25.62 4.62 -3.62
C LYS A 45 -25.75 5.77 -4.63
N LEU A 46 -24.68 6.51 -4.87
CA LEU A 46 -24.74 7.67 -5.74
C LEU A 46 -23.98 7.50 -7.05
N ILE A 47 -24.41 8.24 -8.06
CA ILE A 47 -23.65 8.45 -9.27
C ILE A 47 -23.25 9.92 -9.24
N LYS A 48 -22.00 10.20 -9.61
CA LYS A 48 -21.57 11.58 -9.72
C LYS A 48 -21.03 11.82 -11.11
N ILE A 49 -21.23 13.04 -11.61
CA ILE A 49 -20.75 13.46 -12.92
C ILE A 49 -19.68 14.52 -12.70
N TRP A 50 -18.57 14.39 -13.43
CA TRP A 50 -17.42 15.28 -13.29
C TRP A 50 -16.98 15.74 -14.67
N GLY A 51 -16.40 16.93 -14.76
CA GLY A 51 -15.81 17.39 -16.01
C GLY A 51 -14.62 16.53 -16.40
N ALA A 52 -14.61 16.06 -17.63
CA ALA A 52 -13.55 15.17 -18.09
C ALA A 52 -12.21 15.88 -18.22
N TYR A 53 -12.23 17.19 -18.46
CA TYR A 53 -11.01 17.91 -18.76
C TYR A 53 -10.45 18.62 -17.54
N ASP A 54 -11.33 19.12 -16.69
CA ASP A 54 -10.93 19.92 -15.53
C ASP A 54 -11.19 19.23 -14.20
N GLY A 55 -11.80 18.04 -14.26
CA GLY A 55 -12.09 17.27 -13.06
C GLY A 55 -13.14 17.88 -12.17
N LYS A 56 -13.86 18.89 -12.68
CA LYS A 56 -14.80 19.66 -11.86
C LYS A 56 -16.12 18.93 -11.60
N PHE A 57 -16.49 18.80 -10.32
CA PHE A 57 -17.75 18.20 -9.94
C PHE A 57 -18.90 18.90 -10.64
N GLU A 58 -19.75 18.12 -11.31
CA GLU A 58 -20.91 18.66 -11.99
C GLU A 58 -22.19 18.42 -11.20
N LYS A 59 -22.50 17.16 -10.90
CA LYS A 59 -23.72 16.86 -10.16
C LYS A 59 -23.73 15.46 -9.58
N THR A 60 -24.68 15.25 -8.66
CA THR A 60 -24.91 13.97 -8.02
C THR A 60 -26.26 13.47 -8.49
N ILE A 61 -26.34 12.19 -8.82
CA ILE A 61 -27.58 11.58 -9.27
C ILE A 61 -27.93 10.50 -8.25
N SER A 62 -29.13 10.54 -7.68
CA SER A 62 -29.49 9.60 -6.61
C SER A 62 -30.86 8.95 -6.82
N GLY A 63 -31.08 7.81 -6.17
CA GLY A 63 -32.34 7.10 -6.32
C GLY A 63 -32.28 5.63 -5.97
N HIS A 64 -31.13 5.01 -6.23
CA HIS A 64 -30.95 3.63 -5.81
C HIS A 64 -31.05 3.47 -4.30
N LYS A 65 -31.56 2.33 -3.85
CA LYS A 65 -31.74 2.07 -2.42
C LYS A 65 -30.49 1.48 -1.79
N LEU A 66 -29.62 0.90 -2.59
CA LEU A 66 -28.39 0.31 -2.08
C LEU A 66 -27.23 0.69 -2.99
N GLY A 67 -26.02 0.28 -2.65
CA GLY A 67 -24.85 0.66 -3.44
C GLY A 67 -24.89 0.20 -4.90
N ILE A 68 -24.05 0.83 -5.72
CA ILE A 68 -24.02 0.60 -7.17
C ILE A 68 -22.67 0.02 -7.61
N SER A 69 -22.68 -1.05 -8.41
CA SER A 69 -21.44 -1.74 -8.85
C SER A 69 -20.93 -1.33 -10.23
N ASP A 70 -21.79 -0.75 -11.06
CA ASP A 70 -21.39 -0.38 -12.42
C ASP A 70 -22.28 0.73 -12.99
N VAL A 71 -21.76 1.45 -13.97
CA VAL A 71 -22.52 2.48 -14.67
C VAL A 71 -22.02 2.52 -16.12
N ALA A 72 -22.89 2.91 -17.05
CA ALA A 72 -22.50 2.96 -18.46
C ALA A 72 -23.29 4.03 -19.22
N TRP A 73 -22.68 4.60 -20.26
CA TRP A 73 -23.29 5.69 -21.05
C TRP A 73 -23.97 5.23 -22.34
N SER A 74 -25.07 5.90 -22.72
CA SER A 74 -25.63 5.70 -24.06
C SER A 74 -24.71 6.37 -25.09
N SER A 75 -24.81 5.95 -26.34
CA SER A 75 -23.91 6.44 -27.38
C SER A 75 -24.01 7.95 -27.63
N ASP A 76 -25.17 8.54 -27.39
CA ASP A 76 -25.32 9.99 -27.55
C ASP A 76 -25.03 10.80 -26.28
N SER A 77 -24.49 10.13 -25.26
CA SER A 77 -24.11 10.77 -24.00
C SER A 77 -25.28 11.38 -23.21
N ASN A 78 -26.51 11.06 -23.60
CA ASN A 78 -27.67 11.65 -22.89
C ASN A 78 -28.19 10.81 -21.73
N LEU A 79 -27.96 9.49 -21.79
CA LEU A 79 -28.44 8.58 -20.75
C LEU A 79 -27.30 7.85 -20.03
N LEU A 80 -27.57 7.47 -18.79
CA LEU A 80 -26.72 6.52 -18.07
C LEU A 80 -27.60 5.35 -17.66
N VAL A 81 -26.99 4.18 -17.50
CA VAL A 81 -27.65 3.06 -16.84
C VAL A 81 -26.75 2.59 -15.69
N SER A 82 -27.34 2.28 -14.55
CA SER A 82 -26.58 1.90 -13.36
C SER A 82 -27.01 0.52 -12.88
N ALA A 83 -26.09 -0.23 -12.29
CA ALA A 83 -26.39 -1.57 -11.77
C ALA A 83 -26.17 -1.63 -10.26
N SER A 84 -27.19 -2.03 -9.50
CA SER A 84 -27.18 -1.88 -8.05
C SER A 84 -27.45 -3.16 -7.25
N ASP A 85 -26.94 -3.17 -6.01
CA ASP A 85 -27.26 -4.24 -5.05
C ASP A 85 -28.77 -4.34 -4.77
N ASP A 86 -29.52 -3.29 -5.08
CA ASP A 86 -30.97 -3.31 -4.84
C ASP A 86 -31.75 -4.13 -5.87
N LYS A 87 -31.03 -4.90 -6.68
CA LYS A 87 -31.59 -5.84 -7.67
C LYS A 87 -32.16 -5.15 -8.92
N THR A 88 -31.99 -3.84 -9.01
CA THR A 88 -32.50 -3.12 -10.17
C THR A 88 -31.39 -2.49 -10.97
N LEU A 89 -31.72 -2.10 -12.20
CA LEU A 89 -30.93 -1.13 -12.93
C LEU A 89 -31.79 0.11 -13.06
N LYS A 90 -31.17 1.26 -13.22
CA LYS A 90 -31.94 2.47 -13.49
C LYS A 90 -31.35 3.18 -14.69
N ILE A 91 -32.25 3.67 -15.56
CA ILE A 91 -31.85 4.50 -16.69
C ILE A 91 -32.06 5.95 -16.28
N TRP A 92 -31.03 6.79 -16.45
CA TRP A 92 -31.08 8.17 -16.01
C TRP A 92 -30.93 9.12 -17.17
N ASP A 93 -31.67 10.23 -17.10
CA ASP A 93 -31.45 11.35 -18.00
C ASP A 93 -30.37 12.22 -17.37
N VAL A 94 -29.20 12.28 -17.98
CA VAL A 94 -28.05 12.94 -17.36
C VAL A 94 -28.29 14.43 -17.09
N SER A 95 -28.87 15.12 -18.06
CA SER A 95 -29.07 16.57 -17.94
C SER A 95 -29.92 16.93 -16.74
N SER A 96 -30.97 16.14 -16.46
CA SER A 96 -31.90 16.44 -15.37
C SER A 96 -31.59 15.68 -14.08
N GLY A 97 -30.84 14.59 -14.22
CA GLY A 97 -30.57 13.72 -13.08
C GLY A 97 -31.74 12.84 -12.72
N LYS A 98 -32.77 12.84 -13.55
CA LYS A 98 -33.99 12.09 -13.26
C LYS A 98 -33.94 10.63 -13.69
N CYS A 99 -34.52 9.77 -12.86
CA CYS A 99 -34.67 8.37 -13.21
C CYS A 99 -35.83 8.22 -14.19
N LEU A 100 -35.52 7.77 -15.41
CA LEU A 100 -36.55 7.58 -16.43
C LEU A 100 -37.25 6.24 -16.29
N LYS A 101 -36.47 5.19 -16.03
CA LYS A 101 -37.00 3.84 -15.91
C LYS A 101 -36.23 3.11 -14.84
N THR A 102 -36.90 2.20 -14.14
CA THR A 102 -36.24 1.27 -13.23
C THR A 102 -36.43 -0.12 -13.81
N LEU A 103 -35.32 -0.78 -14.19
CA LEU A 103 -35.38 -2.09 -14.82
C LEU A 103 -35.38 -3.19 -13.78
N LYS A 104 -36.53 -3.85 -13.63
CA LYS A 104 -36.73 -4.83 -12.56
C LYS A 104 -36.86 -6.23 -13.13
N GLY A 105 -36.32 -7.22 -12.43
CA GLY A 105 -36.35 -8.59 -12.92
C GLY A 105 -35.30 -9.48 -12.28
N HIS A 106 -34.09 -8.95 -12.12
CA HIS A 106 -33.01 -9.71 -11.49
C HIS A 106 -33.39 -10.06 -10.06
N SER A 107 -32.88 -11.18 -9.56
CA SER A 107 -33.25 -11.66 -8.23
C SER A 107 -32.08 -11.62 -7.25
N ASN A 108 -31.00 -10.95 -7.65
CA ASN A 108 -29.84 -10.78 -6.77
C ASN A 108 -29.10 -9.55 -7.28
N TYR A 109 -27.97 -9.20 -6.67
CA TYR A 109 -27.26 -7.96 -7.01
C TYR A 109 -27.06 -7.87 -8.52
N VAL A 110 -27.27 -6.69 -9.09
CA VAL A 110 -26.90 -6.45 -10.48
C VAL A 110 -25.48 -5.90 -10.46
N PHE A 111 -24.60 -6.55 -11.22
CA PHE A 111 -23.15 -6.34 -11.09
C PHE A 111 -22.54 -5.54 -12.25
N CYS A 112 -23.08 -5.69 -13.45
CA CYS A 112 -22.49 -5.09 -14.65
C CYS A 112 -23.54 -4.71 -15.68
N CYS A 113 -23.24 -3.71 -16.49
CA CYS A 113 -24.20 -3.21 -17.47
C CYS A 113 -23.54 -2.46 -18.62
N ASN A 114 -24.24 -2.37 -19.74
CA ASN A 114 -23.73 -1.69 -20.93
C ASN A 114 -24.86 -1.45 -21.93
N PHE A 115 -24.81 -0.34 -22.67
CA PHE A 115 -25.72 -0.10 -23.79
C PHE A 115 -25.11 -0.75 -25.02
N ASN A 116 -25.94 -1.11 -26.01
CA ASN A 116 -25.40 -1.46 -27.33
C ASN A 116 -25.07 -0.17 -28.08
N PRO A 117 -24.30 -0.27 -29.17
CA PRO A 117 -23.91 0.99 -29.84
C PRO A 117 -25.09 1.81 -30.34
N GLN A 118 -26.15 1.16 -30.80
CA GLN A 118 -27.35 1.84 -31.25
C GLN A 118 -28.03 2.51 -30.06
N SER A 119 -27.79 1.93 -28.87
CA SER A 119 -28.34 2.39 -27.59
C SER A 119 -29.85 2.20 -27.48
N ASN A 120 -30.40 1.27 -28.27
CA ASN A 120 -31.78 0.87 -28.10
C ASN A 120 -31.91 -0.33 -27.15
N LEU A 121 -30.76 -0.90 -26.76
CA LEU A 121 -30.75 -2.03 -25.84
C LEU A 121 -29.78 -1.82 -24.68
N ILE A 122 -30.07 -2.43 -23.54
CA ILE A 122 -29.12 -2.56 -22.45
C ILE A 122 -28.92 -4.02 -22.10
N VAL A 123 -27.68 -4.40 -21.81
CA VAL A 123 -27.40 -5.74 -21.31
C VAL A 123 -26.93 -5.65 -19.86
N SER A 124 -27.35 -6.61 -19.02
CA SER A 124 -26.94 -6.61 -17.62
C SER A 124 -26.49 -8.00 -17.19
N GLY A 125 -25.59 -8.07 -16.22
CA GLY A 125 -25.16 -9.33 -15.63
C GLY A 125 -25.37 -9.25 -14.12
N SER A 126 -25.69 -10.38 -13.51
CA SER A 126 -26.09 -10.35 -12.09
C SER A 126 -25.52 -11.52 -11.31
N PHE A 127 -25.49 -11.36 -9.99
CA PHE A 127 -25.15 -12.47 -9.11
C PHE A 127 -26.20 -13.59 -9.19
N ASP A 128 -27.34 -13.31 -9.82
CA ASP A 128 -28.34 -14.38 -10.02
C ASP A 128 -27.96 -15.35 -11.15
N GLU A 129 -26.78 -15.13 -11.75
CA GLU A 129 -26.17 -16.02 -12.76
C GLU A 129 -26.78 -15.88 -14.14
N SER A 130 -27.65 -14.89 -14.32
CA SER A 130 -28.24 -14.65 -15.63
C SER A 130 -27.70 -13.36 -16.26
N VAL A 131 -27.89 -13.27 -17.58
CA VAL A 131 -27.66 -12.07 -18.37
C VAL A 131 -29.03 -11.63 -18.92
N ARG A 132 -29.37 -10.36 -18.76
CA ARG A 132 -30.64 -9.87 -19.30
C ARG A 132 -30.42 -8.81 -20.37
N ILE A 133 -31.34 -8.77 -21.34
CA ILE A 133 -31.31 -7.79 -22.42
C ILE A 133 -32.62 -6.97 -22.39
N TRP A 134 -32.48 -5.64 -22.30
CA TRP A 134 -33.63 -4.78 -21.99
C TRP A 134 -33.91 -3.83 -23.13
N ASP A 135 -35.19 -3.57 -23.38
CA ASP A 135 -35.57 -2.56 -24.35
C ASP A 135 -35.49 -1.18 -23.69
N VAL A 136 -34.62 -0.31 -24.21
CA VAL A 136 -34.41 1.01 -23.59
C VAL A 136 -35.69 1.86 -23.67
N LYS A 137 -36.37 1.78 -24.80
CA LYS A 137 -37.55 2.62 -25.03
C LYS A 137 -38.72 2.25 -24.13
N THR A 138 -38.95 0.95 -23.94
CA THR A 138 -40.10 0.48 -23.17
C THR A 138 -39.74 0.02 -21.76
N GLY A 139 -38.46 -0.23 -21.50
CA GLY A 139 -38.04 -0.71 -20.20
C GLY A 139 -38.32 -2.19 -20.01
N LYS A 140 -38.81 -2.84 -21.05
CA LYS A 140 -39.18 -4.25 -20.94
C LYS A 140 -37.97 -5.16 -21.15
N CYS A 141 -37.88 -6.24 -20.37
CA CYS A 141 -36.82 -7.23 -20.58
C CYS A 141 -37.17 -8.14 -21.77
N LEU A 142 -36.32 -8.12 -22.79
CA LEU A 142 -36.54 -8.91 -24.01
C LEU A 142 -36.13 -10.36 -23.87
N LYS A 143 -35.00 -10.59 -23.21
CA LYS A 143 -34.46 -11.92 -23.08
C LYS A 143 -33.87 -12.08 -21.70
N THR A 144 -34.04 -13.26 -21.12
CA THR A 144 -33.30 -13.67 -19.92
C THR A 144 -32.46 -14.87 -20.31
N LEU A 145 -31.14 -14.66 -20.40
CA LEU A 145 -30.25 -15.75 -20.80
C LEU A 145 -29.74 -16.50 -19.57
N PRO A 146 -29.90 -17.84 -19.56
CA PRO A 146 -29.38 -18.65 -18.45
C PRO A 146 -27.90 -18.86 -18.72
N ALA A 147 -27.15 -17.78 -18.57
CA ALA A 147 -25.84 -17.65 -19.17
C ALA A 147 -24.74 -18.46 -18.49
N HIS A 148 -24.79 -18.52 -17.16
CA HIS A 148 -23.68 -19.08 -16.40
C HIS A 148 -24.17 -19.84 -15.17
N SER A 149 -23.24 -20.50 -14.47
CA SER A 149 -23.56 -21.24 -13.26
C SER A 149 -22.91 -20.63 -12.02
N ASP A 150 -22.54 -19.35 -12.12
CA ASP A 150 -21.98 -18.60 -10.99
C ASP A 150 -22.22 -17.13 -11.34
N PRO A 151 -21.97 -16.21 -10.39
CA PRO A 151 -22.20 -14.79 -10.69
C PRO A 151 -21.57 -14.33 -12.01
N VAL A 152 -22.24 -13.40 -12.69
CA VAL A 152 -21.79 -12.87 -13.98
C VAL A 152 -21.01 -11.58 -13.73
N SER A 153 -19.75 -11.54 -14.14
CA SER A 153 -18.85 -10.46 -13.71
C SER A 153 -18.75 -9.30 -14.71
N ALA A 154 -19.03 -9.57 -15.98
CA ALA A 154 -18.96 -8.51 -16.99
C ALA A 154 -19.87 -8.85 -18.17
N VAL A 155 -20.38 -7.82 -18.83
CA VAL A 155 -21.14 -7.98 -20.07
C VAL A 155 -20.79 -6.82 -21.01
N HIS A 156 -20.68 -7.09 -22.31
CA HIS A 156 -20.25 -6.06 -23.27
C HIS A 156 -20.75 -6.40 -24.67
N PHE A 157 -21.26 -5.39 -25.41
CA PHE A 157 -21.64 -5.53 -26.82
C PHE A 157 -20.44 -5.30 -27.73
N ASN A 158 -20.41 -5.97 -28.88
CA ASN A 158 -19.38 -5.69 -29.88
C ASN A 158 -19.74 -4.46 -30.72
N ARG A 159 -18.91 -4.15 -31.70
CA ARG A 159 -18.96 -2.85 -32.39
C ARG A 159 -20.29 -2.58 -33.10
N ASP A 160 -20.92 -3.63 -33.63
CA ASP A 160 -22.19 -3.43 -34.33
C ASP A 160 -23.40 -3.94 -33.55
N GLY A 161 -23.17 -4.36 -32.31
CA GLY A 161 -24.24 -4.75 -31.41
C GLY A 161 -24.81 -6.13 -31.69
N SER A 162 -24.23 -6.82 -32.66
CA SER A 162 -24.74 -8.14 -33.03
C SER A 162 -24.37 -9.23 -32.03
N LEU A 163 -23.31 -8.99 -31.24
CA LEU A 163 -22.82 -9.98 -30.27
C LEU A 163 -22.74 -9.40 -28.86
N ILE A 164 -22.91 -10.26 -27.86
CA ILE A 164 -22.65 -9.92 -26.45
C ILE A 164 -21.63 -10.90 -25.91
N VAL A 165 -20.62 -10.42 -25.19
CA VAL A 165 -19.71 -11.33 -24.49
C VAL A 165 -19.98 -11.22 -22.99
N SER A 166 -20.00 -12.36 -22.29
CA SER A 166 -20.23 -12.36 -20.83
C SER A 166 -19.12 -13.15 -20.17
N SER A 167 -18.85 -12.86 -18.90
CA SER A 167 -17.85 -13.63 -18.15
C SER A 167 -18.42 -13.99 -16.79
N SER A 168 -17.85 -15.01 -16.14
CA SER A 168 -18.39 -15.48 -14.86
C SER A 168 -17.35 -16.16 -13.98
N TYR A 169 -17.63 -16.21 -12.68
CA TYR A 169 -16.79 -16.95 -11.73
C TYR A 169 -16.77 -18.44 -12.05
N ASP A 170 -17.68 -18.88 -12.93
CA ASP A 170 -17.73 -20.29 -13.35
C ASP A 170 -16.56 -20.64 -14.27
N GLY A 171 -15.75 -19.63 -14.60
CA GLY A 171 -14.55 -19.83 -15.39
C GLY A 171 -14.72 -19.67 -16.90
N LEU A 172 -15.95 -19.34 -17.33
CA LEU A 172 -16.24 -19.24 -18.76
C LEU A 172 -16.38 -17.81 -19.27
N CYS A 173 -15.96 -17.60 -20.52
CA CYS A 173 -16.40 -16.45 -21.31
C CYS A 173 -17.34 -16.98 -22.37
N ARG A 174 -18.52 -16.35 -22.49
CA ARG A 174 -19.47 -16.79 -23.51
C ARG A 174 -19.89 -15.65 -24.42
N ILE A 175 -20.10 -15.96 -25.69
CA ILE A 175 -20.48 -14.97 -26.69
C ILE A 175 -21.87 -15.33 -27.22
N TRP A 176 -22.77 -14.35 -27.21
CA TRP A 176 -24.18 -14.59 -27.48
C TRP A 176 -24.64 -13.82 -28.70
N ASP A 177 -25.56 -14.40 -29.46
CA ASP A 177 -26.20 -13.69 -30.58
C ASP A 177 -27.28 -12.78 -30.00
N THR A 178 -27.13 -11.46 -30.15
CA THR A 178 -28.06 -10.51 -29.55
C THR A 178 -29.52 -10.77 -29.99
N ALA A 179 -29.69 -11.11 -31.27
CA ALA A 179 -31.03 -11.23 -31.83
C ALA A 179 -31.73 -12.52 -31.42
N SER A 180 -31.02 -13.64 -31.52
CA SER A 180 -31.61 -14.95 -31.24
C SER A 180 -31.44 -15.38 -29.78
N GLY A 181 -30.46 -14.82 -29.09
CA GLY A 181 -30.18 -15.22 -27.72
C GLY A 181 -29.37 -16.51 -27.62
N GLN A 182 -28.96 -17.04 -28.75
CA GLN A 182 -28.21 -18.30 -28.77
C GLN A 182 -26.79 -18.10 -28.30
N CYS A 183 -26.27 -19.04 -27.52
CA CYS A 183 -24.85 -19.05 -27.17
C CYS A 183 -24.08 -19.53 -28.39
N LEU A 184 -23.23 -18.65 -28.92
CA LEU A 184 -22.50 -18.94 -30.15
C LEU A 184 -21.14 -19.54 -29.87
N LYS A 185 -20.58 -19.27 -28.69
CA LYS A 185 -19.22 -19.72 -28.40
C LYS A 185 -18.93 -19.69 -26.90
N THR A 186 -18.15 -20.68 -26.44
CA THR A 186 -17.63 -20.69 -25.07
C THR A 186 -16.11 -20.73 -25.17
N LEU A 187 -15.43 -19.81 -24.47
CA LEU A 187 -13.99 -19.75 -24.49
C LEU A 187 -13.43 -20.10 -23.12
N ILE A 188 -12.46 -21.03 -23.12
CA ILE A 188 -11.80 -21.43 -21.89
C ILE A 188 -10.43 -21.99 -22.24
N ASP A 189 -9.46 -21.77 -21.37
CA ASP A 189 -8.06 -22.06 -21.72
C ASP A 189 -7.53 -23.28 -20.96
N ASP A 190 -8.32 -24.35 -20.95
CA ASP A 190 -8.04 -25.61 -20.21
C ASP A 190 -8.25 -25.52 -18.69
N ASP A 191 -7.56 -24.61 -18.02
CA ASP A 191 -7.81 -24.40 -16.59
C ASP A 191 -9.05 -23.52 -16.42
N ASN A 192 -9.71 -23.62 -15.27
CA ASN A 192 -10.97 -22.89 -15.05
C ASN A 192 -10.96 -21.82 -13.94
N PRO A 193 -9.95 -20.93 -13.92
CA PRO A 193 -10.01 -19.93 -12.84
C PRO A 193 -11.16 -18.96 -13.08
N PRO A 194 -11.72 -18.36 -12.00
CA PRO A 194 -12.84 -17.44 -12.18
C PRO A 194 -12.47 -16.33 -13.16
N VAL A 195 -13.38 -15.99 -14.07
CA VAL A 195 -13.17 -14.87 -14.99
C VAL A 195 -13.81 -13.62 -14.38
N SER A 196 -13.04 -12.55 -14.21
CA SER A 196 -13.50 -11.39 -13.45
C SER A 196 -13.83 -10.20 -14.33
N PHE A 197 -13.45 -10.26 -15.60
CA PHE A 197 -13.74 -9.18 -16.53
C PHE A 197 -13.62 -9.65 -17.97
N VAL A 198 -14.42 -9.06 -18.85
CA VAL A 198 -14.31 -9.37 -20.26
C VAL A 198 -14.78 -8.17 -21.08
N LYS A 199 -14.17 -7.99 -22.27
CA LYS A 199 -14.53 -6.86 -23.13
C LYS A 199 -14.05 -7.10 -24.56
N PHE A 200 -14.87 -6.72 -25.55
CA PHE A 200 -14.46 -6.77 -26.95
C PHE A 200 -13.42 -5.69 -27.20
N SER A 201 -12.51 -5.92 -28.14
CA SER A 201 -11.62 -4.87 -28.66
C SER A 201 -12.43 -3.89 -29.49
N PRO A 202 -11.90 -2.67 -29.73
CA PRO A 202 -12.72 -1.70 -30.46
C PRO A 202 -13.12 -2.15 -31.87
N ASN A 203 -12.33 -2.99 -32.52
CA ASN A 203 -12.71 -3.50 -33.84
C ASN A 203 -13.60 -4.76 -33.80
N GLY A 204 -13.79 -5.32 -32.61
CA GLY A 204 -14.69 -6.46 -32.46
C GLY A 204 -14.03 -7.81 -32.71
N LYS A 205 -12.76 -7.79 -33.08
CA LYS A 205 -12.09 -9.03 -33.44
C LYS A 205 -11.47 -9.77 -32.24
N TYR A 206 -11.14 -9.05 -31.17
CA TYR A 206 -10.55 -9.69 -30.01
C TYR A 206 -11.41 -9.50 -28.78
N ILE A 207 -11.14 -10.33 -27.78
CA ILE A 207 -11.75 -10.19 -26.47
C ILE A 207 -10.62 -10.15 -25.43
N LEU A 208 -10.70 -9.21 -24.50
CA LEU A 208 -9.70 -9.13 -23.43
C LEU A 208 -10.38 -9.69 -22.19
N ALA A 209 -9.76 -10.67 -21.55
CA ALA A 209 -10.37 -11.33 -20.38
C ALA A 209 -9.42 -11.34 -19.19
N ALA A 210 -9.95 -10.97 -18.02
CA ALA A 210 -9.19 -11.07 -16.77
C ALA A 210 -9.62 -12.30 -15.97
N THR A 211 -8.64 -13.00 -15.39
CA THR A 211 -8.94 -14.10 -14.48
C THR A 211 -8.25 -13.85 -13.12
N LEU A 212 -8.80 -14.46 -12.07
CA LEU A 212 -8.36 -14.20 -10.71
C LEU A 212 -7.11 -14.99 -10.35
N ASP A 213 -6.18 -15.05 -11.30
CA ASP A 213 -4.85 -15.60 -11.09
C ASP A 213 -3.83 -14.60 -11.62
N ASN A 214 -4.08 -13.32 -11.37
CA ASN A 214 -3.15 -12.24 -11.73
C ASN A 214 -2.85 -12.18 -13.23
N THR A 215 -3.84 -12.46 -14.07
CA THR A 215 -3.55 -12.60 -15.49
C THR A 215 -4.61 -11.96 -16.37
N LEU A 216 -4.17 -11.23 -17.40
CA LEU A 216 -5.07 -10.77 -18.46
C LEU A 216 -4.72 -11.52 -19.74
N LYS A 217 -5.71 -11.77 -20.59
CA LYS A 217 -5.47 -12.52 -21.82
C LYS A 217 -6.17 -11.88 -23.01
N LEU A 218 -5.48 -11.84 -24.14
CA LEU A 218 -6.10 -11.33 -25.37
C LEU A 218 -6.49 -12.53 -26.21
N TRP A 219 -7.79 -12.68 -26.47
CA TRP A 219 -8.30 -13.79 -27.28
C TRP A 219 -8.68 -13.37 -28.68
N ASP A 220 -8.35 -14.19 -29.68
CA ASP A 220 -8.93 -14.04 -31.01
C ASP A 220 -10.31 -14.70 -30.98
N TYR A 221 -11.36 -13.91 -31.19
CA TYR A 221 -12.72 -14.43 -31.06
C TYR A 221 -13.00 -15.50 -32.12
N SER A 222 -12.73 -15.17 -33.39
CA SER A 222 -12.99 -16.09 -34.49
C SER A 222 -12.27 -17.43 -34.35
N LYS A 223 -10.97 -17.39 -34.08
CA LYS A 223 -10.18 -18.61 -33.97
C LYS A 223 -10.37 -19.28 -32.61
N GLY A 224 -10.91 -18.53 -31.65
CA GLY A 224 -11.09 -19.05 -30.30
C GLY A 224 -9.76 -19.41 -29.63
N LYS A 225 -8.77 -18.55 -29.82
CA LYS A 225 -7.40 -18.82 -29.37
C LYS A 225 -6.81 -17.67 -28.55
N CYS A 226 -6.15 -17.99 -27.44
CA CYS A 226 -5.45 -16.96 -26.68
C CYS A 226 -4.13 -16.59 -27.36
N LEU A 227 -3.95 -15.31 -27.64
CA LEU A 227 -2.83 -14.80 -28.43
C LEU A 227 -1.76 -14.12 -27.56
N LYS A 228 -2.19 -13.45 -26.49
CA LYS A 228 -1.29 -12.67 -25.65
C LYS A 228 -1.71 -12.80 -24.19
N THR A 229 -0.73 -12.78 -23.28
CA THR A 229 -1.05 -12.71 -21.85
C THR A 229 -0.27 -11.56 -21.19
N TYR A 230 -0.90 -10.91 -20.22
CA TYR A 230 -0.29 -9.76 -19.57
C TYR A 230 -0.25 -10.10 -18.08
N THR A 231 0.92 -9.98 -17.46
CA THR A 231 1.10 -10.38 -16.06
C THR A 231 2.00 -9.39 -15.32
N GLY A 232 2.21 -9.64 -14.02
CA GLY A 232 3.05 -8.79 -13.20
C GLY A 232 2.29 -8.05 -12.10
N HIS A 233 0.98 -7.91 -12.30
CA HIS A 233 0.10 -7.21 -11.35
C HIS A 233 -0.55 -8.15 -10.34
N LYS A 234 -1.41 -7.63 -9.47
CA LYS A 234 -2.08 -8.47 -8.48
C LYS A 234 -3.59 -8.45 -8.71
N ASN A 235 -4.17 -9.61 -8.99
CA ASN A 235 -5.62 -9.71 -9.17
C ASN A 235 -6.09 -11.10 -8.76
N GLU A 236 -6.52 -11.22 -7.51
CA GLU A 236 -6.90 -12.50 -6.91
C GLU A 236 -8.32 -12.50 -6.37
N LYS A 237 -8.91 -11.32 -6.19
CA LYS A 237 -10.12 -11.19 -5.37
C LYS A 237 -11.25 -10.30 -5.92
N TYR A 238 -10.90 -9.35 -6.80
CA TYR A 238 -11.86 -8.33 -7.23
C TYR A 238 -12.06 -8.31 -8.74
N CYS A 239 -13.25 -7.87 -9.17
CA CYS A 239 -13.55 -7.73 -10.59
C CYS A 239 -13.10 -6.36 -11.09
N ILE A 240 -11.89 -6.32 -11.60
CA ILE A 240 -11.23 -5.06 -11.97
C ILE A 240 -11.40 -4.79 -13.48
N PHE A 241 -11.79 -3.56 -13.83
CA PHE A 241 -11.98 -3.22 -15.25
C PHE A 241 -10.65 -3.04 -15.96
N ALA A 242 -10.54 -3.54 -17.19
CA ALA A 242 -9.36 -3.31 -18.02
C ALA A 242 -9.79 -2.66 -19.34
N ASN A 243 -8.84 -2.11 -20.09
CA ASN A 243 -9.17 -1.32 -21.27
C ASN A 243 -8.17 -1.47 -22.40
N PHE A 244 -8.63 -1.20 -23.62
CA PHE A 244 -7.76 -0.97 -24.76
C PHE A 244 -7.56 0.54 -24.88
N SER A 245 -6.33 1.01 -24.67
CA SER A 245 -6.01 2.43 -24.89
C SER A 245 -5.56 2.62 -26.34
N VAL A 246 -6.26 3.49 -27.07
CA VAL A 246 -6.03 3.59 -28.52
C VAL A 246 -5.83 5.02 -29.01
N THR A 247 -5.87 5.99 -28.12
CA THR A 247 -5.76 7.40 -28.55
C THR A 247 -4.33 7.78 -28.91
N GLY A 248 -3.36 7.10 -28.30
CA GLY A 248 -1.95 7.30 -28.63
C GLY A 248 -1.31 5.98 -29.02
N GLY A 249 -0.31 5.55 -28.27
CA GLY A 249 0.24 4.21 -28.47
C GLY A 249 -0.78 3.16 -28.07
N LYS A 250 -0.56 1.91 -28.51
CA LYS A 250 -1.54 0.86 -28.25
C LYS A 250 -1.20 0.12 -26.95
N TRP A 251 -1.93 0.45 -25.89
CA TRP A 251 -1.68 -0.15 -24.58
C TRP A 251 -2.86 -1.00 -24.08
N ILE A 252 -2.56 -1.81 -23.07
CA ILE A 252 -3.59 -2.44 -22.25
C ILE A 252 -3.51 -1.75 -20.89
N VAL A 253 -4.65 -1.32 -20.35
CA VAL A 253 -4.67 -0.58 -19.07
C VAL A 253 -5.56 -1.31 -18.08
N SER A 254 -5.11 -1.46 -16.83
CA SER A 254 -5.87 -2.18 -15.81
C SER A 254 -5.58 -1.65 -14.40
N GLY A 255 -6.54 -1.82 -13.50
CA GLY A 255 -6.28 -1.59 -12.09
C GLY A 255 -5.58 -2.83 -11.53
N SER A 256 -5.27 -2.79 -10.24
CA SER A 256 -4.54 -3.88 -9.58
C SER A 256 -4.77 -3.79 -8.09
N GLU A 257 -4.60 -4.91 -7.37
CA GLU A 257 -4.91 -4.96 -5.96
C GLU A 257 -3.76 -4.48 -5.08
N ASP A 258 -2.67 -4.06 -5.72
CA ASP A 258 -1.56 -3.46 -4.98
C ASP A 258 -1.59 -1.93 -5.06
N ASN A 259 -2.75 -1.39 -5.43
CA ASN A 259 -3.04 0.06 -5.43
C ASN A 259 -2.50 0.83 -6.62
N LEU A 260 -2.05 0.11 -7.65
CA LEU A 260 -1.44 0.74 -8.82
C LEU A 260 -2.31 0.58 -10.07
N VAL A 261 -2.15 1.51 -11.01
CA VAL A 261 -2.65 1.33 -12.38
C VAL A 261 -1.52 0.75 -13.22
N TYR A 262 -1.75 -0.39 -13.85
CA TYR A 262 -0.75 -1.00 -14.74
C TYR A 262 -1.03 -0.68 -16.21
N ILE A 263 0.02 -0.37 -16.96
CA ILE A 263 -0.09 -0.19 -18.41
C ILE A 263 0.91 -1.10 -19.11
N TRP A 264 0.42 -1.93 -20.02
CA TRP A 264 1.28 -2.81 -20.81
C TRP A 264 1.31 -2.38 -22.26
N ASN A 265 2.42 -2.65 -22.94
CA ASN A 265 2.48 -2.55 -24.39
C ASN A 265 1.66 -3.69 -24.95
N LEU A 266 0.64 -3.39 -25.76
CA LEU A 266 -0.27 -4.43 -26.25
C LEU A 266 0.48 -5.51 -27.04
N GLN A 267 1.40 -5.08 -27.90
CA GLN A 267 2.10 -6.02 -28.77
C GLN A 267 3.19 -6.81 -28.05
N THR A 268 4.01 -6.14 -27.25
CA THR A 268 5.14 -6.80 -26.60
C THR A 268 4.81 -7.47 -25.27
N LYS A 269 3.69 -7.08 -24.66
CA LYS A 269 3.25 -7.63 -23.37
C LYS A 269 4.13 -7.16 -22.21
N GLU A 270 4.97 -6.16 -22.48
CA GLU A 270 5.83 -5.59 -21.45
C GLU A 270 5.12 -4.48 -20.65
N ILE A 271 5.28 -4.49 -19.33
CA ILE A 271 4.78 -3.38 -18.52
C ILE A 271 5.55 -2.11 -18.89
N VAL A 272 4.83 -1.05 -19.25
CA VAL A 272 5.47 0.23 -19.62
C VAL A 272 5.27 1.34 -18.59
N GLN A 273 4.23 1.24 -17.78
CA GLN A 273 4.04 2.22 -16.72
C GLN A 273 3.25 1.64 -15.56
N LYS A 274 3.55 2.09 -14.34
CA LYS A 274 2.73 1.78 -13.18
C LYS A 274 2.45 3.08 -12.46
N LEU A 275 1.17 3.46 -12.37
CA LEU A 275 0.84 4.78 -11.85
C LEU A 275 0.60 4.69 -10.34
N GLN A 276 1.36 5.45 -9.55
CA GLN A 276 1.25 5.46 -8.09
C GLN A 276 0.46 6.64 -7.57
N GLY A 277 -0.35 6.41 -6.53
CA GLY A 277 -1.09 7.50 -5.92
C GLY A 277 -2.26 7.03 -5.08
N HIS A 278 -2.97 6.01 -5.57
CA HIS A 278 -4.12 5.48 -4.84
C HIS A 278 -3.66 4.76 -3.57
N THR A 279 -4.54 4.67 -2.58
CA THR A 279 -4.14 4.04 -1.31
C THR A 279 -4.93 2.79 -0.98
N ASP A 280 -5.73 2.30 -1.94
CA ASP A 280 -6.45 1.05 -1.79
C ASP A 280 -6.56 0.44 -3.19
N VAL A 281 -7.17 -0.74 -3.30
CA VAL A 281 -7.31 -1.43 -4.58
C VAL A 281 -7.88 -0.53 -5.68
N VAL A 282 -7.22 -0.52 -6.84
CA VAL A 282 -7.75 0.21 -7.99
C VAL A 282 -8.72 -0.72 -8.73
N ILE A 283 -10.02 -0.48 -8.52
CA ILE A 283 -11.07 -1.38 -9.01
C ILE A 283 -11.45 -1.09 -10.46
N SER A 284 -11.22 0.14 -10.91
CA SER A 284 -11.73 0.56 -12.21
C SER A 284 -10.76 1.51 -12.89
N THR A 285 -10.56 1.29 -14.18
CA THR A 285 -9.86 2.25 -15.03
C THR A 285 -10.71 2.49 -16.27
N ALA A 286 -10.56 3.67 -16.87
CA ALA A 286 -11.27 4.00 -18.11
C ALA A 286 -10.38 4.89 -18.99
N CYS A 287 -10.57 4.82 -20.31
CA CYS A 287 -9.78 5.62 -21.24
C CYS A 287 -10.67 6.60 -22.03
N HIS A 288 -10.24 7.87 -22.09
CA HIS A 288 -10.99 8.91 -22.80
C HIS A 288 -11.10 8.55 -24.28
N PRO A 289 -12.25 8.82 -24.92
CA PRO A 289 -12.44 8.33 -26.29
C PRO A 289 -11.60 9.04 -27.35
N THR A 290 -11.13 10.26 -27.07
CA THR A 290 -10.35 11.00 -28.08
C THR A 290 -8.98 11.49 -27.58
N GLU A 291 -8.86 11.74 -26.28
CA GLU A 291 -7.61 12.27 -25.72
C GLU A 291 -6.91 11.25 -24.83
N ASN A 292 -5.58 11.36 -24.71
CA ASN A 292 -4.80 10.49 -23.84
C ASN A 292 -5.05 10.80 -22.37
N ILE A 293 -6.20 10.35 -21.86
CA ILE A 293 -6.58 10.57 -20.47
C ILE A 293 -7.09 9.26 -19.89
N ILE A 294 -6.58 8.90 -18.72
CA ILE A 294 -7.04 7.71 -17.99
C ILE A 294 -7.72 8.14 -16.69
N ALA A 295 -8.87 7.53 -16.38
CA ALA A 295 -9.50 7.71 -15.08
C ALA A 295 -9.32 6.42 -14.30
N SER A 296 -8.97 6.54 -13.02
CA SER A 296 -8.88 5.37 -12.15
C SER A 296 -9.70 5.61 -10.88
N ALA A 297 -10.18 4.54 -10.25
CA ALA A 297 -10.92 4.72 -9.01
C ALA A 297 -10.60 3.59 -8.04
N ALA A 298 -10.66 3.88 -6.74
CA ALA A 298 -10.21 2.93 -5.73
C ALA A 298 -11.27 2.59 -4.69
N LEU A 299 -11.02 1.56 -3.89
CA LEU A 299 -12.00 1.06 -2.93
C LEU A 299 -12.03 1.87 -1.63
N GLU A 300 -12.70 1.35 -0.59
CA GLU A 300 -13.16 2.21 0.52
C GLU A 300 -12.13 2.88 1.42
N ASN A 301 -10.90 2.36 1.49
CA ASN A 301 -9.85 3.03 2.24
C ASN A 301 -9.31 4.26 1.53
N ASP A 302 -9.68 4.43 0.26
CA ASP A 302 -9.23 5.54 -0.60
C ASP A 302 -10.38 6.49 -0.98
N LYS A 303 -11.40 5.95 -1.67
CA LYS A 303 -12.62 6.69 -2.03
C LYS A 303 -12.47 7.76 -3.11
N THR A 304 -11.28 7.87 -3.71
CA THR A 304 -11.03 8.91 -4.72
C THR A 304 -10.93 8.37 -6.16
N ILE A 305 -11.17 9.29 -7.09
CA ILE A 305 -10.98 9.04 -8.52
C ILE A 305 -9.82 9.90 -8.93
N LYS A 306 -8.98 9.39 -9.83
CA LYS A 306 -7.86 10.19 -10.30
C LYS A 306 -7.87 10.27 -11.81
N LEU A 307 -7.53 11.45 -12.33
CA LEU A 307 -7.38 11.64 -13.78
C LEU A 307 -5.89 11.81 -14.09
N TRP A 308 -5.40 11.01 -15.02
CA TRP A 308 -3.98 11.00 -15.42
C TRP A 308 -3.91 11.39 -16.91
N LYS A 309 -2.93 12.20 -17.29
CA LYS A 309 -2.81 12.61 -18.69
C LYS A 309 -1.40 12.36 -19.25
N SER A 310 -1.32 12.09 -20.55
CA SER A 310 -0.08 11.70 -21.21
C SER A 310 0.04 12.36 -22.60
N ASP A 311 1.26 12.47 -23.12
CA ASP A 311 1.49 13.04 -24.45
C ASP A 311 1.32 12.01 -25.57
N CYS A 312 1.39 10.73 -25.21
CA CYS A 312 1.18 9.65 -26.18
C CYS A 312 0.49 8.46 -25.53
N VAL B 9 -23.94 25.68 32.50
CA VAL B 9 -22.65 26.21 32.92
C VAL B 9 -21.82 26.75 31.74
N LYS B 10 -21.10 27.85 31.97
CA LYS B 10 -20.19 28.42 30.99
C LYS B 10 -18.82 28.59 31.63
N PRO B 11 -17.76 28.55 30.82
CA PRO B 11 -16.46 28.85 31.41
C PRO B 11 -16.32 30.36 31.55
N ASN B 12 -15.34 30.83 32.32
CA ASN B 12 -15.13 32.26 32.49
C ASN B 12 -13.69 32.68 32.21
N TYR B 13 -13.16 32.28 31.06
CA TYR B 13 -11.79 32.61 30.70
C TYR B 13 -11.55 34.13 30.65
N ALA B 14 -10.50 34.57 31.32
CA ALA B 14 -10.11 35.98 31.30
C ALA B 14 -8.61 36.12 31.09
N LEU B 15 -8.22 37.22 30.44
CA LEU B 15 -6.82 37.46 30.10
C LEU B 15 -5.95 37.64 31.33
N LYS B 16 -4.84 36.90 31.41
CA LYS B 16 -3.94 36.98 32.54
C LYS B 16 -2.58 37.58 32.17
N PHE B 17 -1.99 37.08 31.08
CA PHE B 17 -0.68 37.56 30.64
C PHE B 17 -0.63 37.69 29.13
N THR B 18 0.16 38.64 28.65
CA THR B 18 0.46 38.75 27.23
C THR B 18 1.95 38.56 27.09
N LEU B 19 2.36 37.64 26.24
CA LEU B 19 3.78 37.27 26.13
C LEU B 19 4.36 37.87 24.85
N ALA B 20 5.21 38.87 25.00
CA ALA B 20 5.76 39.55 23.84
C ALA B 20 7.23 39.21 23.68
N GLY B 21 7.66 39.07 22.42
CA GLY B 21 9.06 38.78 22.17
C GLY B 21 9.38 38.39 20.76
N HIS B 22 8.50 37.60 20.14
CA HIS B 22 8.68 37.24 18.74
C HIS B 22 8.57 38.50 17.87
N THR B 23 9.30 38.52 16.76
CA THR B 23 9.31 39.71 15.90
C THR B 23 8.57 39.50 14.59
N LYS B 24 7.98 38.31 14.43
CA LYS B 24 7.14 38.01 13.28
C LYS B 24 5.93 37.23 13.76
N ALA B 25 5.03 36.83 12.86
CA ALA B 25 3.85 36.05 13.24
C ALA B 25 4.24 34.91 14.17
N VAL B 26 3.41 34.64 15.18
CA VAL B 26 3.56 33.39 15.95
C VAL B 26 2.74 32.33 15.21
N SER B 27 3.26 31.12 15.07
CA SER B 27 2.56 30.10 14.28
C SER B 27 1.88 29.01 15.13
N SER B 28 2.44 28.71 16.29
CA SER B 28 1.93 27.60 17.09
C SER B 28 2.38 27.72 18.55
N VAL B 29 1.47 27.45 19.48
CA VAL B 29 1.82 27.34 20.90
C VAL B 29 1.36 25.98 21.44
N LYS B 30 2.18 25.37 22.30
CA LYS B 30 1.89 24.06 22.89
C LYS B 30 2.39 24.04 24.33
N PHE B 31 1.58 23.51 25.25
CA PHE B 31 1.98 23.32 26.64
C PHE B 31 2.78 22.03 26.81
N SER B 32 3.84 22.05 27.62
CA SER B 32 4.55 20.81 27.96
C SER B 32 3.62 19.85 28.71
N PRO B 33 3.80 18.54 28.49
CA PRO B 33 2.97 17.52 29.16
C PRO B 33 3.05 17.61 30.68
N ASN B 34 4.19 18.00 31.23
CA ASN B 34 4.31 18.15 32.68
C ASN B 34 3.73 19.46 33.21
N GLY B 35 3.21 20.31 32.31
CA GLY B 35 2.50 21.50 32.74
C GLY B 35 3.37 22.70 33.11
N GLU B 36 4.70 22.55 33.03
CA GLU B 36 5.59 23.63 33.47
C GLU B 36 5.79 24.76 32.45
N TRP B 37 5.80 24.40 31.17
CA TRP B 37 6.22 25.33 30.13
C TRP B 37 5.19 25.53 29.00
N LEU B 38 5.34 26.65 28.29
CA LEU B 38 4.71 26.85 26.98
C LEU B 38 5.82 27.05 25.97
N ALA B 39 5.77 26.29 24.86
CA ALA B 39 6.66 26.52 23.74
C ALA B 39 5.90 27.25 22.64
N SER B 40 6.58 28.18 21.96
CA SER B 40 5.97 28.90 20.84
C SER B 40 6.92 28.84 19.65
N SER B 41 6.37 28.63 18.45
CA SER B 41 7.17 28.69 17.24
C SER B 41 6.73 29.92 16.45
N SER B 42 7.61 30.44 15.59
CA SER B 42 7.33 31.68 14.89
C SER B 42 7.98 31.77 13.52
N ALA B 43 7.37 32.59 12.67
CA ALA B 43 7.93 32.96 11.38
C ALA B 43 9.29 33.64 11.52
N ASP B 44 9.65 34.05 12.74
CA ASP B 44 10.94 34.71 12.97
C ASP B 44 12.09 33.70 13.13
N LYS B 45 11.80 32.43 12.83
CA LYS B 45 12.80 31.35 12.86
C LYS B 45 13.15 30.85 14.26
N LEU B 46 12.48 31.37 15.30
CA LEU B 46 12.82 31.01 16.68
C LEU B 46 11.72 30.21 17.38
N ILE B 47 12.15 29.43 18.37
CA ILE B 47 11.28 28.83 19.36
C ILE B 47 11.57 29.56 20.67
N LYS B 48 10.52 29.92 21.41
CA LYS B 48 10.72 30.51 22.71
C LYS B 48 9.99 29.67 23.75
N ILE B 49 10.56 29.59 24.95
CA ILE B 49 9.96 28.86 26.07
C ILE B 49 9.56 29.87 27.14
N TRP B 50 8.36 29.71 27.69
CA TRP B 50 7.79 30.63 28.67
C TRP B 50 7.24 29.82 29.83
N GLY B 51 7.21 30.41 31.02
CA GLY B 51 6.57 29.76 32.15
C GLY B 51 5.07 29.64 31.90
N ALA B 52 4.52 28.45 32.14
CA ALA B 52 3.11 28.20 31.89
C ALA B 52 2.21 28.93 32.89
N TYR B 53 2.73 29.17 34.09
CA TYR B 53 1.92 29.72 35.16
C TYR B 53 2.10 31.22 35.29
N ASP B 54 3.31 31.70 35.03
CA ASP B 54 3.61 33.12 35.23
C ASP B 54 3.85 33.88 33.94
N GLY B 55 3.87 33.16 32.82
CA GLY B 55 4.10 33.77 31.52
C GLY B 55 5.51 34.29 31.31
N LYS B 56 6.40 33.94 32.24
CA LYS B 56 7.76 34.48 32.25
C LYS B 56 8.65 33.87 31.16
N PHE B 57 9.22 34.72 30.31
CA PHE B 57 10.21 34.28 29.32
C PHE B 57 11.31 33.45 29.96
N GLU B 58 11.58 32.28 29.38
CA GLU B 58 12.60 31.39 29.90
C GLU B 58 13.83 31.38 28.98
N LYS B 59 13.64 31.10 27.70
CA LYS B 59 14.76 31.05 26.76
C LYS B 59 14.33 31.00 25.31
N THR B 60 15.27 31.33 24.43
CA THR B 60 15.10 31.31 22.99
C THR B 60 15.91 30.15 22.44
N ILE B 61 15.30 29.39 21.53
CA ILE B 61 15.97 28.27 20.89
C ILE B 61 16.07 28.57 19.40
N SER B 62 17.29 28.57 18.86
CA SER B 62 17.50 28.98 17.46
C SER B 62 18.34 28.00 16.66
N GLY B 63 18.22 28.05 15.35
CA GLY B 63 18.97 27.14 14.50
C GLY B 63 18.38 26.92 13.12
N HIS B 64 17.05 26.96 13.02
CA HIS B 64 16.41 26.89 11.71
C HIS B 64 16.85 28.06 10.82
N LYS B 65 16.93 27.81 9.51
CA LYS B 65 17.37 28.83 8.57
C LYS B 65 16.21 29.68 8.07
N LEU B 66 14.98 29.19 8.25
CA LEU B 66 13.79 29.92 7.81
C LEU B 66 12.70 29.78 8.88
N GLY B 67 11.57 30.45 8.69
CA GLY B 67 10.51 30.41 9.70
C GLY B 67 9.97 29.03 10.04
N ILE B 68 9.30 28.94 11.19
CA ILE B 68 8.80 27.68 11.72
C ILE B 68 7.26 27.67 11.81
N SER B 69 6.59 26.62 11.31
CA SER B 69 5.11 26.56 11.28
C SER B 69 4.47 25.77 12.44
N ASP B 70 5.26 24.95 13.11
CA ASP B 70 4.72 24.09 14.17
C ASP B 70 5.81 23.63 15.12
N VAL B 71 5.40 23.30 16.35
CA VAL B 71 6.32 22.75 17.34
C VAL B 71 5.53 21.76 18.18
N ALA B 72 6.20 20.75 18.73
CA ALA B 72 5.51 19.76 19.57
C ALA B 72 6.46 19.17 20.61
N TRP B 73 5.91 18.75 21.75
CA TRP B 73 6.69 18.24 22.88
C TRP B 73 6.74 16.71 22.95
N SER B 74 7.86 16.16 23.43
CA SER B 74 7.91 14.74 23.80
C SER B 74 7.12 14.52 25.08
N SER B 75 6.70 13.28 25.34
CA SER B 75 5.86 13.00 26.51
C SER B 75 6.53 13.28 27.86
N ASP B 76 7.85 13.15 27.92
CA ASP B 76 8.59 13.44 29.16
C ASP B 76 8.96 14.91 29.29
N SER B 77 8.46 15.74 28.37
CA SER B 77 8.76 17.17 28.34
C SER B 77 10.23 17.54 28.15
N ASN B 78 11.08 16.58 27.78
CA ASN B 78 12.50 16.89 27.60
C ASN B 78 12.91 17.37 26.20
N LEU B 79 12.13 16.98 25.18
CA LEU B 79 12.46 17.30 23.80
C LEU B 79 11.37 18.12 23.13
N LEU B 80 11.77 18.96 22.16
CA LEU B 80 10.82 19.55 21.23
C LEU B 80 11.18 19.11 19.82
N VAL B 81 10.19 19.07 18.94
CA VAL B 81 10.45 18.92 17.51
C VAL B 81 9.79 20.11 16.80
N SER B 82 10.48 20.69 15.81
CA SER B 82 9.94 21.86 15.11
C SER B 82 9.83 21.59 13.62
N ALA B 83 8.86 22.22 12.95
CA ALA B 83 8.67 22.04 11.50
C ALA B 83 8.86 23.37 10.77
N SER B 84 9.80 23.42 9.83
CA SER B 84 10.24 24.70 9.25
C SER B 84 10.14 24.82 7.74
N ASP B 85 10.01 26.05 7.25
CA ASP B 85 10.02 26.32 5.81
C ASP B 85 11.36 25.86 5.18
N ASP B 86 12.39 25.67 6.00
CA ASP B 86 13.69 25.22 5.50
C ASP B 86 13.75 23.74 5.12
N LYS B 87 12.58 23.10 5.09
CA LYS B 87 12.42 21.71 4.63
C LYS B 87 12.89 20.67 5.64
N THR B 88 13.29 21.11 6.82
CA THR B 88 13.74 20.18 7.85
C THR B 88 12.84 20.23 9.08
N LEU B 89 12.92 19.17 9.88
CA LEU B 89 12.50 19.26 11.27
C LEU B 89 13.75 19.24 12.15
N LYS B 90 13.65 19.80 13.33
CA LYS B 90 14.75 19.69 14.29
C LYS B 90 14.22 19.18 15.61
N ILE B 91 14.97 18.26 16.20
CA ILE B 91 14.71 17.75 17.55
C ILE B 91 15.62 18.50 18.50
N TRP B 92 15.04 19.14 19.52
CA TRP B 92 15.79 19.99 20.43
C TRP B 92 15.78 19.41 21.83
N ASP B 93 16.92 19.52 22.51
CA ASP B 93 16.96 19.23 23.93
C ASP B 93 16.57 20.53 24.62
N VAL B 94 15.45 20.54 25.34
CA VAL B 94 14.89 21.77 25.88
C VAL B 94 15.79 22.43 26.92
N SER B 95 16.31 21.64 27.85
CA SER B 95 17.15 22.17 28.92
C SER B 95 18.38 22.92 28.40
N SER B 96 19.00 22.43 27.34
CA SER B 96 20.21 23.04 26.80
C SER B 96 19.95 23.96 25.60
N GLY B 97 18.80 23.78 24.95
CA GLY B 97 18.50 24.54 23.75
C GLY B 97 19.24 24.04 22.51
N LYS B 98 19.94 22.91 22.64
CA LYS B 98 20.72 22.40 21.52
C LYS B 98 19.94 21.52 20.57
N CYS B 99 20.27 21.62 19.29
CA CYS B 99 19.71 20.76 18.28
C CYS B 99 20.38 19.39 18.36
N LEU B 100 19.60 18.36 18.64
CA LEU B 100 20.11 16.99 18.71
C LEU B 100 20.18 16.35 17.33
N LYS B 101 19.15 16.58 16.52
CA LYS B 101 19.04 15.95 15.22
C LYS B 101 18.34 16.91 14.29
N THR B 102 18.75 16.91 13.02
CA THR B 102 18.04 17.63 12.00
C THR B 102 17.43 16.59 11.06
N LEU B 103 16.09 16.54 11.01
CA LEU B 103 15.41 15.50 10.25
C LEU B 103 15.22 15.95 8.81
N LYS B 104 15.97 15.32 7.91
CA LYS B 104 16.03 15.72 6.52
C LYS B 104 15.38 14.70 5.59
N GLY B 105 14.65 15.19 4.59
CA GLY B 105 13.99 14.34 3.63
C GLY B 105 12.86 15.01 2.85
N HIS B 106 12.07 15.83 3.55
CA HIS B 106 10.98 16.55 2.89
C HIS B 106 11.54 17.46 1.78
N SER B 107 10.75 17.71 0.75
CA SER B 107 11.23 18.50 -0.39
C SER B 107 10.48 19.81 -0.54
N ASN B 108 9.72 20.18 0.49
CA ASN B 108 9.02 21.47 0.51
C ASN B 108 8.82 21.82 1.98
N TYR B 109 8.16 22.95 2.27
CA TYR B 109 7.98 23.39 3.66
C TYR B 109 7.44 22.24 4.52
N VAL B 110 7.99 22.07 5.72
CA VAL B 110 7.39 21.16 6.70
C VAL B 110 6.39 21.99 7.50
N PHE B 111 5.15 21.52 7.58
CA PHE B 111 4.02 22.32 8.07
C PHE B 111 3.55 21.93 9.48
N CYS B 112 3.61 20.63 9.80
CA CYS B 112 3.03 20.13 11.04
C CYS B 112 3.83 18.95 11.59
N CYS B 113 3.78 18.74 12.90
CA CYS B 113 4.58 17.69 13.53
C CYS B 113 4.03 17.26 14.89
N ASN B 114 4.41 16.07 15.33
CA ASN B 114 3.95 15.54 16.61
C ASN B 114 4.75 14.30 17.01
N PHE B 115 5.02 14.13 18.31
CA PHE B 115 5.57 12.86 18.82
C PHE B 115 4.43 11.87 19.05
N ASN B 116 4.74 10.56 19.00
CA ASN B 116 3.79 9.58 19.50
C ASN B 116 3.85 9.55 21.02
N PRO B 117 2.87 8.95 21.70
CA PRO B 117 2.88 8.99 23.17
C PRO B 117 4.13 8.39 23.82
N GLN B 118 4.62 7.30 23.23
CA GLN B 118 5.84 6.66 23.68
C GLN B 118 7.03 7.60 23.45
N SER B 119 6.90 8.44 22.42
CA SER B 119 7.90 9.44 22.03
C SER B 119 9.15 8.83 21.42
N ASN B 120 9.02 7.59 20.93
CA ASN B 120 10.08 7.00 20.14
C ASN B 120 9.94 7.33 18.65
N LEU B 121 8.80 7.96 18.29
CA LEU B 121 8.53 8.32 16.90
C LEU B 121 8.07 9.77 16.73
N ILE B 122 8.40 10.36 15.58
CA ILE B 122 7.81 11.64 15.16
C ILE B 122 7.06 11.49 13.85
N VAL B 123 5.90 12.11 13.76
CA VAL B 123 5.19 12.21 12.48
C VAL B 123 5.24 13.66 11.96
N SER B 124 5.46 13.83 10.66
CA SER B 124 5.47 15.16 10.07
C SER B 124 4.58 15.22 8.82
N GLY B 125 4.03 16.39 8.52
CA GLY B 125 3.30 16.62 7.29
C GLY B 125 3.90 17.82 6.57
N SER B 126 3.86 17.79 5.24
CA SER B 126 4.57 18.80 4.46
C SER B 126 3.78 19.28 3.24
N PHE B 127 4.17 20.44 2.72
CA PHE B 127 3.63 20.94 1.47
C PHE B 127 4.03 20.02 0.31
N ASP B 128 4.97 19.10 0.54
CA ASP B 128 5.31 18.14 -0.49
C ASP B 128 4.28 17.01 -0.63
N GLU B 129 3.20 17.11 0.16
CA GLU B 129 2.03 16.23 0.06
C GLU B 129 2.26 14.85 0.71
N SER B 130 3.38 14.70 1.40
CA SER B 130 3.67 13.44 2.08
C SER B 130 3.56 13.57 3.61
N VAL B 131 3.41 12.42 4.26
CA VAL B 131 3.52 12.28 5.70
C VAL B 131 4.75 11.41 5.96
N ARG B 132 5.64 11.83 6.85
CA ARG B 132 6.81 11.03 7.19
C ARG B 132 6.79 10.60 8.65
N ILE B 133 7.35 9.43 8.93
CA ILE B 133 7.45 8.87 10.28
C ILE B 133 8.94 8.65 10.58
N TRP B 134 9.42 9.25 11.66
CA TRP B 134 10.86 9.32 11.94
C TRP B 134 11.20 8.59 13.22
N ASP B 135 12.34 7.92 13.23
CA ASP B 135 12.84 7.31 14.45
C ASP B 135 13.55 8.37 15.28
N VAL B 136 13.05 8.63 16.49
CA VAL B 136 13.62 9.68 17.34
C VAL B 136 15.07 9.38 17.76
N LYS B 137 15.34 8.11 18.08
CA LYS B 137 16.67 7.72 18.56
C LYS B 137 17.75 7.85 17.47
N THR B 138 17.40 7.50 16.25
CA THR B 138 18.38 7.46 15.15
C THR B 138 18.24 8.61 14.16
N GLY B 139 17.10 9.29 14.17
CA GLY B 139 16.87 10.38 13.25
C GLY B 139 16.54 9.91 11.84
N LYS B 140 16.43 8.61 11.66
CA LYS B 140 16.14 8.08 10.34
C LYS B 140 14.65 8.05 10.04
N CYS B 141 14.29 8.34 8.79
CA CYS B 141 12.91 8.25 8.34
C CYS B 141 12.51 6.80 8.07
N LEU B 142 11.55 6.29 8.84
CA LEU B 142 11.10 4.91 8.71
C LEU B 142 10.13 4.70 7.56
N LYS B 143 9.25 5.69 7.35
CA LYS B 143 8.21 5.57 6.34
C LYS B 143 7.99 6.91 5.68
N THR B 144 7.78 6.88 4.37
CA THR B 144 7.33 8.06 3.63
C THR B 144 5.98 7.69 3.04
N LEU B 145 4.91 8.26 3.61
CA LEU B 145 3.57 7.90 3.16
C LEU B 145 3.12 8.87 2.06
N PRO B 146 2.62 8.33 0.94
CA PRO B 146 2.12 9.12 -0.19
C PRO B 146 0.68 9.48 0.14
N ALA B 147 0.55 10.32 1.15
CA ALA B 147 -0.68 10.45 1.91
C ALA B 147 -1.79 11.21 1.19
N HIS B 148 -1.42 12.25 0.47
CA HIS B 148 -2.40 13.20 -0.04
C HIS B 148 -1.99 13.76 -1.42
N SER B 149 -2.91 14.48 -2.06
CA SER B 149 -2.64 15.10 -3.36
C SER B 149 -2.57 16.64 -3.28
N ASP B 150 -2.29 17.16 -2.09
CA ASP B 150 -2.20 18.60 -1.85
C ASP B 150 -1.45 18.71 -0.52
N PRO B 151 -1.03 19.93 -0.14
CA PRO B 151 -0.34 20.11 1.16
C PRO B 151 -1.04 19.43 2.33
N VAL B 152 -0.23 18.88 3.24
CA VAL B 152 -0.73 18.21 4.44
C VAL B 152 -0.81 19.21 5.59
N SER B 153 -2.00 19.42 6.13
CA SER B 153 -2.21 20.51 7.07
C SER B 153 -2.03 20.16 8.56
N ALA B 154 -2.23 18.89 8.91
CA ALA B 154 -2.11 18.46 10.31
C ALA B 154 -1.79 16.99 10.36
N VAL B 155 -1.05 16.57 11.39
CA VAL B 155 -0.79 15.16 11.66
C VAL B 155 -0.83 14.93 13.17
N HIS B 156 -1.38 13.81 13.60
CA HIS B 156 -1.55 13.55 15.05
C HIS B 156 -1.64 12.04 15.32
N PHE B 157 -0.95 11.57 16.37
CA PHE B 157 -1.09 10.18 16.83
C PHE B 157 -2.27 10.01 17.79
N ASN B 158 -2.92 8.84 17.78
CA ASN B 158 -3.92 8.55 18.81
C ASN B 158 -3.29 8.13 20.13
N ARG B 159 -4.13 7.82 21.13
CA ARG B 159 -3.66 7.72 22.51
C ARG B 159 -2.65 6.61 22.74
N ASP B 160 -2.70 5.55 21.94
CA ASP B 160 -1.73 4.47 22.10
C ASP B 160 -0.69 4.42 20.97
N GLY B 161 -0.73 5.41 20.07
CA GLY B 161 0.27 5.52 19.03
C GLY B 161 0.10 4.53 17.89
N SER B 162 -0.97 3.74 17.93
CA SER B 162 -1.19 2.75 16.89
C SER B 162 -1.71 3.36 15.59
N LEU B 163 -2.30 4.57 15.69
CA LEU B 163 -2.87 5.25 14.52
C LEU B 163 -2.33 6.66 14.34
N ILE B 164 -2.31 7.12 13.08
CA ILE B 164 -2.01 8.51 12.75
C ILE B 164 -3.17 9.06 11.94
N VAL B 165 -3.66 10.26 12.29
CA VAL B 165 -4.64 10.92 11.42
C VAL B 165 -3.95 12.07 10.69
N SER B 166 -4.23 12.22 9.40
CA SER B 166 -3.67 13.34 8.62
C SER B 166 -4.79 14.10 7.92
N SER B 167 -4.56 15.36 7.62
CA SER B 167 -5.55 16.15 6.88
C SER B 167 -4.87 16.90 5.75
N SER B 168 -5.64 17.31 4.72
CA SER B 168 -5.02 17.97 3.59
C SER B 168 -5.98 18.93 2.88
N TYR B 169 -5.42 19.90 2.16
CA TYR B 169 -6.21 20.77 1.29
C TYR B 169 -6.95 19.98 0.20
N ASP B 170 -6.60 18.69 0.03
CA ASP B 170 -7.30 17.84 -0.95
C ASP B 170 -8.72 17.46 -0.50
N GLY B 171 -9.08 17.90 0.71
CA GLY B 171 -10.41 17.68 1.25
C GLY B 171 -10.58 16.42 2.07
N LEU B 172 -9.48 15.68 2.27
CA LEU B 172 -9.55 14.38 2.94
C LEU B 172 -8.94 14.39 4.35
N CYS B 173 -9.53 13.60 5.25
CA CYS B 173 -8.86 13.16 6.46
C CYS B 173 -8.56 11.68 6.27
N ARG B 174 -7.33 11.27 6.58
CA ARG B 174 -6.96 9.86 6.44
C ARG B 174 -6.34 9.35 7.73
N ILE B 175 -6.61 8.08 8.03
CA ILE B 175 -6.11 7.45 9.26
C ILE B 175 -5.20 6.29 8.85
N TRP B 176 -4.01 6.26 9.42
CA TRP B 176 -2.98 5.32 8.99
C TRP B 176 -2.57 4.38 10.10
N ASP B 177 -2.23 3.15 9.73
CA ASP B 177 -1.66 2.21 10.71
C ASP B 177 -0.19 2.56 10.89
N THR B 178 0.19 2.96 12.10
CA THR B 178 1.57 3.39 12.37
C THR B 178 2.61 2.33 11.99
N ALA B 179 2.31 1.06 12.27
CA ALA B 179 3.30 0.00 12.10
C ALA B 179 3.44 -0.44 10.65
N SER B 180 2.32 -0.59 9.95
CA SER B 180 2.33 -1.10 8.59
C SER B 180 2.37 0.01 7.53
N GLY B 181 1.94 1.22 7.90
CA GLY B 181 1.90 2.32 6.96
C GLY B 181 0.66 2.34 6.07
N GLN B 182 -0.22 1.37 6.28
CA GLN B 182 -1.41 1.23 5.43
C GLN B 182 -2.44 2.31 5.74
N CYS B 183 -3.12 2.81 4.71
CA CYS B 183 -4.24 3.72 4.94
C CYS B 183 -5.45 2.89 5.35
N LEU B 184 -5.93 3.10 6.57
CA LEU B 184 -7.01 2.29 7.10
C LEU B 184 -8.38 2.92 6.83
N LYS B 185 -8.42 4.23 6.64
CA LYS B 185 -9.69 4.92 6.46
C LYS B 185 -9.53 6.29 5.81
N THR B 186 -10.52 6.66 5.00
CA THR B 186 -10.60 8.01 4.44
C THR B 186 -11.95 8.56 4.87
N LEU B 187 -11.94 9.75 5.48
CA LEU B 187 -13.18 10.37 5.94
C LEU B 187 -13.47 11.63 5.14
N ILE B 188 -14.69 11.72 4.64
CA ILE B 188 -15.11 12.88 3.87
C ILE B 188 -16.63 13.00 3.93
N ASP B 189 -17.13 14.23 4.03
CA ASP B 189 -18.58 14.42 4.18
C ASP B 189 -19.21 14.56 2.81
N ASP B 190 -20.30 15.31 2.71
CA ASP B 190 -20.98 15.43 1.41
C ASP B 190 -20.17 16.27 0.40
N ASP B 191 -19.48 17.29 0.91
CA ASP B 191 -18.65 18.14 0.05
C ASP B 191 -17.15 17.93 0.33
N ASN B 192 -16.29 18.54 -0.49
CA ASN B 192 -14.84 18.40 -0.35
C ASN B 192 -14.05 19.70 -0.08
N PRO B 193 -14.48 20.51 0.92
CA PRO B 193 -13.65 21.70 1.14
C PRO B 193 -12.29 21.35 1.74
N PRO B 194 -11.27 22.21 1.55
CA PRO B 194 -9.94 21.91 2.09
C PRO B 194 -10.02 21.65 3.58
N VAL B 195 -9.30 20.63 4.08
CA VAL B 195 -9.27 20.38 5.52
C VAL B 195 -8.03 21.03 6.11
N SER B 196 -8.22 21.90 7.11
CA SER B 196 -7.13 22.74 7.58
C SER B 196 -6.55 22.28 8.90
N PHE B 197 -7.24 21.36 9.57
CA PHE B 197 -6.76 20.85 10.85
C PHE B 197 -7.43 19.53 11.20
N VAL B 198 -6.71 18.68 11.93
CA VAL B 198 -7.31 17.45 12.41
C VAL B 198 -6.63 16.96 13.70
N LYS B 199 -7.39 16.34 14.60
CA LYS B 199 -6.84 15.85 15.86
C LYS B 199 -7.73 14.76 16.47
N PHE B 200 -7.13 13.74 17.06
CA PHE B 200 -7.89 12.73 17.80
C PHE B 200 -8.38 13.34 19.11
N SER B 201 -9.52 12.88 19.61
CA SER B 201 -9.96 13.20 20.97
C SER B 201 -9.06 12.47 21.96
N PRO B 202 -9.03 12.92 23.24
CA PRO B 202 -8.09 12.30 24.18
C PRO B 202 -8.28 10.78 24.37
N ASN B 203 -9.51 10.30 24.24
CA ASN B 203 -9.75 8.86 24.35
C ASN B 203 -9.54 8.09 23.03
N GLY B 204 -9.31 8.82 21.95
CA GLY B 204 -8.99 8.20 20.68
C GLY B 204 -10.19 7.76 19.85
N LYS B 205 -11.40 8.00 20.38
CA LYS B 205 -12.60 7.54 19.70
C LYS B 205 -13.11 8.52 18.64
N TYR B 206 -12.78 9.80 18.81
CA TYR B 206 -13.28 10.82 17.89
C TYR B 206 -12.15 11.57 17.20
N ILE B 207 -12.50 12.26 16.12
CA ILE B 207 -11.57 13.10 15.39
C ILE B 207 -12.23 14.48 15.23
N LEU B 208 -11.49 15.54 15.54
CA LEU B 208 -12.01 16.89 15.36
C LEU B 208 -11.35 17.41 14.10
N ALA B 209 -12.15 17.85 13.12
CA ALA B 209 -11.61 18.33 11.85
C ALA B 209 -12.11 19.73 11.53
N ALA B 210 -11.20 20.59 11.09
CA ALA B 210 -11.55 21.92 10.61
C ALA B 210 -11.50 21.97 9.08
N THR B 211 -12.52 22.57 8.47
CA THR B 211 -12.49 22.83 7.03
C THR B 211 -12.62 24.32 6.73
N LEU B 212 -12.14 24.75 5.56
CA LEU B 212 -12.06 26.18 5.24
C LEU B 212 -13.40 26.74 4.76
N ASP B 213 -14.46 26.33 5.44
CA ASP B 213 -15.79 26.89 5.22
C ASP B 213 -16.37 27.24 6.58
N ASN B 214 -15.53 27.79 7.46
CA ASN B 214 -15.98 28.28 8.77
C ASN B 214 -16.59 27.20 9.65
N THR B 215 -16.09 25.98 9.55
CA THR B 215 -16.77 24.86 10.20
C THR B 215 -15.79 23.91 10.87
N LEU B 216 -16.13 23.47 12.08
CA LEU B 216 -15.41 22.40 12.77
C LEU B 216 -16.37 21.23 12.88
N LYS B 217 -15.85 20.00 12.79
CA LYS B 217 -16.72 18.81 12.87
C LYS B 217 -16.15 17.76 13.78
N LEU B 218 -17.02 17.12 14.55
CA LEU B 218 -16.59 16.00 15.39
C LEU B 218 -17.02 14.71 14.72
N TRP B 219 -16.05 13.86 14.37
CA TRP B 219 -16.33 12.59 13.70
C TRP B 219 -16.18 11.41 14.64
N ASP B 220 -17.09 10.44 14.54
CA ASP B 220 -16.86 9.15 15.18
C ASP B 220 -15.92 8.36 14.26
N TYR B 221 -14.73 8.02 14.74
CA TYR B 221 -13.74 7.35 13.90
C TYR B 221 -14.23 5.97 13.46
N SER B 222 -14.59 5.13 14.42
CA SER B 222 -15.04 3.77 14.13
C SER B 222 -16.20 3.73 13.13
N LYS B 223 -17.23 4.54 13.39
CA LYS B 223 -18.43 4.50 12.58
C LYS B 223 -18.31 5.34 11.31
N GLY B 224 -17.28 6.18 11.27
CA GLY B 224 -17.01 7.01 10.10
C GLY B 224 -18.08 8.05 9.83
N LYS B 225 -18.70 8.59 10.89
CA LYS B 225 -19.79 9.54 10.72
C LYS B 225 -19.56 10.86 11.45
N CYS B 226 -19.95 11.97 10.82
CA CYS B 226 -19.91 13.26 11.51
C CYS B 226 -21.08 13.34 12.50
N LEU B 227 -20.76 13.65 13.76
CA LEU B 227 -21.74 13.69 14.84
C LEU B 227 -22.14 15.11 15.23
N LYS B 228 -21.17 16.02 15.32
CA LYS B 228 -21.45 17.38 15.77
C LYS B 228 -20.73 18.37 14.87
N THR B 229 -21.32 19.56 14.76
CA THR B 229 -20.80 20.62 13.91
C THR B 229 -20.70 21.90 14.75
N TYR B 230 -19.59 22.64 14.61
CA TYR B 230 -19.41 23.86 15.40
C TYR B 230 -19.20 24.99 14.41
N THR B 231 -20.01 26.05 14.53
CA THR B 231 -19.98 27.16 13.57
C THR B 231 -20.14 28.50 14.26
N GLY B 232 -20.05 29.58 13.47
CA GLY B 232 -20.20 30.93 13.99
C GLY B 232 -18.94 31.78 13.86
N HIS B 233 -17.79 31.11 13.74
CA HIS B 233 -16.49 31.77 13.65
C HIS B 233 -16.09 32.04 12.19
N LYS B 234 -14.89 32.58 11.98
CA LYS B 234 -14.40 32.80 10.61
C LYS B 234 -13.16 31.97 10.33
N ASN B 235 -13.23 31.09 9.34
CA ASN B 235 -12.07 30.28 8.97
C ASN B 235 -12.15 29.92 7.48
N GLU B 236 -11.51 30.74 6.64
CA GLU B 236 -11.57 30.60 5.20
C GLU B 236 -10.20 30.41 4.55
N LYS B 237 -9.13 30.75 5.29
CA LYS B 237 -7.83 30.97 4.66
C LYS B 237 -6.63 30.32 5.38
N TYR B 238 -6.74 30.11 6.69
CA TYR B 238 -5.57 29.69 7.48
C TYR B 238 -5.80 28.37 8.20
N CYS B 239 -4.70 27.68 8.49
CA CYS B 239 -4.72 26.42 9.22
C CYS B 239 -4.63 26.67 10.71
N ILE B 240 -5.79 26.74 11.34
CA ILE B 240 -5.93 27.17 12.73
C ILE B 240 -6.05 25.93 13.64
N PHE B 241 -5.31 25.90 14.74
CA PHE B 241 -5.38 24.77 15.68
C PHE B 241 -6.67 24.82 16.50
N ALA B 242 -7.30 23.67 16.70
CA ALA B 242 -8.44 23.56 17.60
C ALA B 242 -8.12 22.53 18.69
N ASN B 243 -8.89 22.53 19.78
CA ASN B 243 -8.57 21.66 20.91
C ASN B 243 -9.80 21.10 21.61
N PHE B 244 -9.61 19.98 22.30
CA PHE B 244 -10.56 19.49 23.29
C PHE B 244 -10.13 20.00 24.65
N SER B 245 -10.96 20.83 25.29
CA SER B 245 -10.68 21.28 26.66
C SER B 245 -11.39 20.34 27.64
N VAL B 246 -10.62 19.73 28.54
CA VAL B 246 -11.19 18.69 29.41
C VAL B 246 -10.81 18.84 30.88
N THR B 247 -10.10 19.89 31.24
CA THR B 247 -9.68 20.07 32.63
C THR B 247 -10.84 20.52 33.52
N GLY B 248 -11.83 21.16 32.92
CA GLY B 248 -13.03 21.61 33.61
C GLY B 248 -14.26 21.12 32.87
N GLY B 249 -15.10 22.04 32.41
CA GLY B 249 -16.22 21.67 31.55
C GLY B 249 -15.70 21.17 30.22
N LYS B 250 -16.57 20.52 29.43
CA LYS B 250 -16.14 19.92 28.17
C LYS B 250 -16.39 20.87 27.01
N TRP B 251 -15.32 21.52 26.54
CA TRP B 251 -15.41 22.51 25.49
C TRP B 251 -14.62 22.14 24.23
N ILE B 252 -14.97 22.79 23.12
CA ILE B 252 -14.14 22.85 21.92
C ILE B 252 -13.55 24.27 21.86
N VAL B 253 -12.24 24.39 21.68
CA VAL B 253 -11.56 25.69 21.66
C VAL B 253 -10.83 25.86 20.34
N SER B 254 -10.95 27.05 19.72
CA SER B 254 -10.32 27.29 18.41
C SER B 254 -9.96 28.75 18.25
N GLY B 255 -9.00 29.05 17.39
CA GLY B 255 -8.78 30.42 16.97
C GLY B 255 -9.76 30.76 15.87
N SER B 256 -9.69 31.99 15.36
CA SER B 256 -10.59 32.45 14.31
C SER B 256 -9.94 33.62 13.59
N GLU B 257 -10.38 33.87 12.35
CA GLU B 257 -9.75 34.89 11.53
C GLU B 257 -10.32 36.29 11.80
N ASP B 258 -11.23 36.37 12.75
CA ASP B 258 -11.76 37.67 13.17
C ASP B 258 -11.11 38.11 14.48
N ASN B 259 -9.94 37.54 14.79
CA ASN B 259 -9.10 37.93 15.92
C ASN B 259 -9.58 37.45 17.28
N LEU B 260 -10.53 36.52 17.28
CA LEU B 260 -11.10 36.01 18.53
C LEU B 260 -10.73 34.56 18.80
N VAL B 261 -10.71 34.18 20.08
CA VAL B 261 -10.73 32.77 20.48
C VAL B 261 -12.18 32.36 20.72
N TYR B 262 -12.67 31.34 20.01
CA TYR B 262 -14.02 30.84 20.24
C TYR B 262 -14.00 29.60 21.15
N ILE B 263 -14.98 29.52 22.04
CA ILE B 263 -15.18 28.33 22.87
C ILE B 263 -16.61 27.85 22.71
N TRP B 264 -16.78 26.57 22.37
CA TRP B 264 -18.11 25.97 22.23
C TRP B 264 -18.32 24.92 23.32
N ASN B 265 -19.58 24.72 23.70
CA ASN B 265 -19.98 23.58 24.52
C ASN B 265 -19.94 22.38 23.60
N LEU B 266 -19.13 21.37 23.95
CA LEU B 266 -18.94 20.22 23.06
C LEU B 266 -20.27 19.51 22.76
N GLN B 267 -21.08 19.32 23.79
CA GLN B 267 -22.33 18.58 23.63
C GLN B 267 -23.41 19.37 22.90
N THR B 268 -23.61 20.63 23.28
CA THR B 268 -24.72 21.41 22.73
C THR B 268 -24.38 22.14 21.44
N LYS B 269 -23.08 22.34 21.19
CA LYS B 269 -22.57 23.03 19.99
C LYS B 269 -22.77 24.55 20.05
N GLU B 270 -23.23 25.04 21.19
CA GLU B 270 -23.43 26.48 21.38
C GLU B 270 -22.13 27.21 21.72
N ILE B 271 -21.91 28.39 21.12
CA ILE B 271 -20.79 29.23 21.51
C ILE B 271 -21.01 29.67 22.95
N VAL B 272 -20.02 29.47 23.83
CA VAL B 272 -20.13 29.83 25.24
C VAL B 272 -19.22 31.00 25.64
N GLN B 273 -18.17 31.23 24.86
CA GLN B 273 -17.30 32.38 25.11
C GLN B 273 -16.57 32.79 23.84
N LYS B 274 -16.29 34.08 23.71
CA LYS B 274 -15.40 34.57 22.66
C LYS B 274 -14.39 35.49 23.31
N LEU B 275 -13.11 35.12 23.30
CA LEU B 275 -12.12 35.88 24.04
C LEU B 275 -11.55 36.98 23.15
N GLN B 276 -11.68 38.24 23.57
CA GLN B 276 -11.12 39.35 22.78
C GLN B 276 -9.86 39.99 23.35
N GLY B 277 -8.98 40.43 22.46
CA GLY B 277 -7.72 41.03 22.86
C GLY B 277 -6.69 41.05 21.74
N HIS B 278 -6.68 39.99 20.93
CA HIS B 278 -5.69 39.91 19.84
C HIS B 278 -6.05 40.91 18.75
N THR B 279 -5.05 41.32 17.96
CA THR B 279 -5.31 42.31 16.92
C THR B 279 -5.11 41.78 15.50
N ASP B 280 -4.90 40.47 15.37
CA ASP B 280 -4.77 39.85 14.06
C ASP B 280 -5.30 38.42 14.21
N VAL B 281 -5.27 37.65 13.13
CA VAL B 281 -5.80 36.28 13.15
C VAL B 281 -5.23 35.45 14.29
N VAL B 282 -6.10 34.77 15.02
CA VAL B 282 -5.65 33.82 16.03
C VAL B 282 -5.42 32.48 15.37
N ILE B 283 -4.15 32.17 15.11
CA ILE B 283 -3.75 30.99 14.35
C ILE B 283 -3.69 29.72 15.21
N SER B 284 -3.47 29.90 16.52
CA SER B 284 -3.19 28.75 17.38
C SER B 284 -3.80 28.93 18.76
N THR B 285 -4.40 27.86 19.27
CA THR B 285 -4.81 27.81 20.68
C THR B 285 -4.29 26.50 21.26
N ALA B 286 -4.03 26.48 22.57
CA ALA B 286 -3.63 25.25 23.27
C ALA B 286 -4.25 25.22 24.66
N CYS B 287 -4.47 24.01 25.17
CA CYS B 287 -5.06 23.85 26.51
C CYS B 287 -4.08 23.17 27.48
N HIS B 288 -3.93 23.75 28.67
CA HIS B 288 -3.03 23.22 29.69
C HIS B 288 -3.49 21.82 30.07
N PRO B 289 -2.55 20.89 30.32
CA PRO B 289 -2.92 19.49 30.53
C PRO B 289 -3.62 19.18 31.86
N THR B 290 -3.44 20.03 32.87
CA THR B 290 -4.05 19.80 34.19
C THR B 290 -4.86 20.97 34.73
N GLU B 291 -4.53 22.19 34.33
CA GLU B 291 -5.23 23.38 34.80
C GLU B 291 -6.06 24.08 33.72
N ASN B 292 -7.08 24.82 34.12
CA ASN B 292 -7.92 25.56 33.17
C ASN B 292 -7.18 26.79 32.64
N ILE B 293 -6.26 26.56 31.72
CA ILE B 293 -5.48 27.63 31.11
C ILE B 293 -5.44 27.43 29.60
N ILE B 294 -5.77 28.48 28.84
CA ILE B 294 -5.67 28.47 27.38
C ILE B 294 -4.57 29.43 26.94
N ALA B 295 -3.76 28.98 25.98
CA ALA B 295 -2.79 29.85 25.33
C ALA B 295 -3.28 30.13 23.93
N SER B 296 -3.16 31.38 23.49
CA SER B 296 -3.55 31.73 22.11
C SER B 296 -2.42 32.51 21.47
N ALA B 297 -2.30 32.46 20.15
CA ALA B 297 -1.25 33.20 19.48
C ALA B 297 -1.73 33.73 18.14
N ALA B 298 -1.19 34.88 17.73
CA ALA B 298 -1.72 35.60 16.59
C ALA B 298 -0.67 35.90 15.52
N LEU B 299 -1.14 36.32 14.35
CA LEU B 299 -0.28 36.53 13.20
C LEU B 299 0.43 37.89 13.24
N GLU B 300 0.99 38.28 12.09
CA GLU B 300 2.03 39.31 11.97
C GLU B 300 1.69 40.72 12.51
N ASN B 301 0.44 41.13 12.39
CA ASN B 301 0.03 42.45 12.85
C ASN B 301 -0.10 42.53 14.39
N ASP B 302 0.01 41.37 15.04
CA ASP B 302 -0.17 41.25 16.49
C ASP B 302 1.13 40.77 17.17
N LYS B 303 1.63 39.60 16.76
CA LYS B 303 2.89 39.03 17.24
C LYS B 303 2.92 38.55 18.70
N THR B 304 1.79 38.58 19.39
CA THR B 304 1.78 38.21 20.81
C THR B 304 1.07 36.89 21.08
N ILE B 305 1.40 36.33 22.24
CA ILE B 305 0.77 35.13 22.79
C ILE B 305 0.03 35.59 24.02
N LYS B 306 -1.14 35.01 24.27
CA LYS B 306 -1.90 35.37 25.45
C LYS B 306 -2.26 34.15 26.26
N LEU B 307 -2.16 34.28 27.59
CA LEU B 307 -2.60 33.22 28.50
C LEU B 307 -3.89 33.66 29.17
N TRP B 308 -4.93 32.83 29.07
CA TRP B 308 -6.24 33.08 29.64
C TRP B 308 -6.51 32.04 30.73
N LYS B 309 -7.10 32.43 31.85
CA LYS B 309 -7.41 31.44 32.90
C LYS B 309 -8.87 31.52 33.32
N SER B 310 -9.39 30.38 33.81
CA SER B 310 -10.82 30.24 34.13
C SER B 310 -11.03 29.33 35.35
N ASP B 311 -12.19 29.46 35.99
CA ASP B 311 -12.51 28.65 37.17
C ASP B 311 -13.10 27.27 36.84
N CYS B 312 -13.62 27.13 35.62
CA CYS B 312 -14.17 25.85 35.18
C CYS B 312 -13.91 25.63 33.70
N VAL C 9 6.06 -31.29 -22.62
CA VAL C 9 6.07 -32.12 -21.41
C VAL C 9 5.98 -31.28 -20.12
N LYS C 10 5.21 -31.78 -19.15
CA LYS C 10 5.06 -31.14 -17.84
C LYS C 10 5.45 -32.11 -16.75
N PRO C 11 5.95 -31.59 -15.62
CA PRO C 11 6.22 -32.52 -14.52
C PRO C 11 4.90 -32.89 -13.86
N ASN C 12 4.90 -33.91 -13.01
CA ASN C 12 3.67 -34.28 -12.32
C ASN C 12 3.86 -34.41 -10.82
N TYR C 13 4.33 -33.34 -10.18
CA TYR C 13 4.57 -33.37 -8.75
C TYR C 13 3.27 -33.59 -7.97
N ALA C 14 3.31 -34.53 -7.03
CA ALA C 14 2.16 -34.82 -6.17
C ALA C 14 2.63 -34.92 -4.74
N LEU C 15 1.76 -34.60 -3.79
CA LEU C 15 2.12 -34.59 -2.38
C LEU C 15 2.36 -36.00 -1.83
N LYS C 16 3.49 -36.24 -1.19
CA LYS C 16 3.79 -37.56 -0.62
C LYS C 16 3.79 -37.57 0.90
N PHE C 17 4.45 -36.58 1.51
CA PHE C 17 4.53 -36.50 2.96
C PHE C 17 4.37 -35.07 3.45
N THR C 18 3.83 -34.92 4.66
CA THR C 18 3.80 -33.64 5.34
C THR C 18 4.55 -33.79 6.65
N LEU C 19 5.57 -32.96 6.84
CA LEU C 19 6.47 -33.09 7.99
C LEU C 19 6.11 -32.07 9.07
N ALA C 20 5.55 -32.56 10.17
CA ALA C 20 5.06 -31.66 11.20
C ALA C 20 5.94 -31.79 12.42
N GLY C 21 6.23 -30.65 13.07
CA GLY C 21 7.01 -30.70 14.28
C GLY C 21 7.47 -29.37 14.79
N HIS C 22 7.80 -28.46 13.88
CA HIS C 22 8.18 -27.11 14.27
C HIS C 22 6.97 -26.40 14.87
N THR C 23 7.18 -25.50 15.82
CA THR C 23 6.06 -24.86 16.52
C THR C 23 5.91 -23.40 16.15
N LYS C 24 6.76 -22.93 15.24
CA LYS C 24 6.61 -21.60 14.63
C LYS C 24 6.86 -21.72 13.13
N ALA C 25 6.86 -20.58 12.43
CA ALA C 25 7.12 -20.58 10.98
C ALA C 25 8.38 -21.38 10.65
N VAL C 26 8.34 -22.09 9.54
CA VAL C 26 9.55 -22.72 9.00
C VAL C 26 10.15 -21.70 8.05
N SER C 27 11.46 -21.52 8.08
CA SER C 27 12.08 -20.45 7.29
C SER C 27 12.81 -20.95 6.04
N SER C 28 13.35 -22.16 6.11
CA SER C 28 14.24 -22.66 5.05
C SER C 28 14.36 -24.18 5.12
N VAL C 29 14.26 -24.84 3.97
CA VAL C 29 14.54 -26.27 3.84
C VAL C 29 15.63 -26.49 2.78
N LYS C 30 16.52 -27.45 3.04
CA LYS C 30 17.64 -27.75 2.14
C LYS C 30 17.89 -29.25 2.19
N PHE C 31 18.14 -29.86 1.02
CA PHE C 31 18.52 -31.27 0.95
C PHE C 31 20.04 -31.43 1.11
N SER C 32 20.47 -32.44 1.87
CA SER C 32 21.90 -32.74 1.95
C SER C 32 22.43 -33.14 0.58
N PRO C 33 23.68 -32.76 0.26
CA PRO C 33 24.27 -33.08 -1.05
C PRO C 33 24.30 -34.59 -1.34
N ASN C 34 24.42 -35.41 -0.31
CA ASN C 34 24.40 -36.86 -0.51
C ASN C 34 22.98 -37.43 -0.68
N GLY C 35 21.97 -36.57 -0.53
CA GLY C 35 20.61 -36.96 -0.84
C GLY C 35 19.85 -37.70 0.26
N GLU C 36 20.52 -37.94 1.39
CA GLU C 36 19.90 -38.74 2.46
C GLU C 36 18.92 -37.97 3.34
N TRP C 37 19.19 -36.67 3.52
CA TRP C 37 18.47 -35.89 4.54
C TRP C 37 17.85 -34.59 4.02
N LEU C 38 16.87 -34.09 4.78
CA LEU C 38 16.38 -32.72 4.64
C LEU C 38 16.59 -32.00 5.95
N ALA C 39 17.19 -30.82 5.90
CA ALA C 39 17.32 -29.97 7.09
C ALA C 39 16.31 -28.84 6.99
N SER C 40 15.71 -28.47 8.12
CA SER C 40 14.80 -27.33 8.15
C SER C 40 15.19 -26.42 9.29
N SER C 41 15.09 -25.11 9.05
CA SER C 41 15.32 -24.13 10.09
C SER C 41 14.00 -23.45 10.36
N SER C 42 13.85 -22.88 11.55
CA SER C 42 12.57 -22.33 11.97
C SER C 42 12.70 -21.16 12.93
N ALA C 43 11.67 -20.32 12.94
CA ALA C 43 11.51 -19.26 13.91
C ALA C 43 11.41 -19.80 15.34
N ASP C 44 11.24 -21.12 15.51
CA ASP C 44 11.18 -21.72 16.85
C ASP C 44 12.57 -22.01 17.43
N LYS C 45 13.60 -21.45 16.80
CA LYS C 45 14.99 -21.57 17.25
C LYS C 45 15.65 -22.92 16.98
N LEU C 46 14.94 -23.82 16.31
CA LEU C 46 15.43 -25.18 16.11
C LEU C 46 15.79 -25.49 14.67
N ILE C 47 16.72 -26.43 14.51
CA ILE C 47 16.94 -27.09 13.24
C ILE C 47 16.43 -28.51 13.41
N LYS C 48 15.75 -29.04 12.40
CA LYS C 48 15.32 -30.43 12.45
C LYS C 48 15.84 -31.14 11.23
N ILE C 49 16.13 -32.43 11.37
CA ILE C 49 16.62 -33.28 10.29
C ILE C 49 15.58 -34.36 10.02
N TRP C 50 15.27 -34.59 8.75
CA TRP C 50 14.25 -35.53 8.33
C TRP C 50 14.83 -36.42 7.24
N GLY C 51 14.32 -37.65 7.14
CA GLY C 51 14.68 -38.52 6.04
C GLY C 51 14.15 -37.95 4.74
N ALA C 52 15.04 -37.86 3.74
CA ALA C 52 14.66 -37.26 2.46
C ALA C 52 13.67 -38.13 1.70
N TYR C 53 13.72 -39.45 1.91
CA TYR C 53 12.93 -40.35 1.10
C TYR C 53 11.62 -40.72 1.77
N ASP C 54 11.65 -40.85 3.10
CA ASP C 54 10.47 -41.33 3.82
C ASP C 54 9.84 -40.25 4.70
N GLY C 55 10.47 -39.09 4.77
CA GLY C 55 9.96 -37.98 5.54
C GLY C 55 10.10 -38.15 7.04
N LYS C 56 10.82 -39.18 7.48
CA LYS C 56 10.84 -39.55 8.90
C LYS C 56 11.72 -38.61 9.75
N PHE C 57 11.14 -38.06 10.82
CA PHE C 57 11.89 -37.24 11.77
C PHE C 57 13.12 -37.98 12.27
N GLU C 58 14.28 -37.33 12.17
CA GLU C 58 15.53 -37.92 12.62
C GLU C 58 15.99 -37.32 13.95
N LYS C 59 16.14 -36.00 14.01
CA LYS C 59 16.57 -35.35 15.24
C LYS C 59 16.34 -33.84 15.24
N THR C 60 16.42 -33.25 16.42
CA THR C 60 16.33 -31.82 16.63
C THR C 60 17.72 -31.33 17.05
N ILE C 61 18.15 -30.22 16.45
CA ILE C 61 19.42 -29.61 16.79
C ILE C 61 19.14 -28.23 17.39
N SER C 62 19.58 -27.99 18.63
CA SER C 62 19.27 -26.72 19.30
C SER C 62 20.50 -26.02 19.88
N GLY C 63 20.35 -24.73 20.17
CA GLY C 63 21.45 -23.95 20.70
C GLY C 63 21.33 -22.47 20.44
N HIS C 64 20.71 -22.10 19.31
CA HIS C 64 20.47 -20.69 19.03
C HIS C 64 19.55 -20.08 20.08
N LYS C 65 19.75 -18.81 20.39
CA LYS C 65 18.98 -18.15 21.44
C LYS C 65 17.74 -17.47 20.88
N LEU C 66 17.72 -17.27 19.56
CA LEU C 66 16.54 -16.73 18.89
C LEU C 66 16.26 -17.50 17.60
N GLY C 67 15.18 -17.16 16.90
CA GLY C 67 14.82 -17.87 15.69
C GLY C 67 15.86 -17.84 14.56
N ILE C 68 15.71 -18.77 13.62
CA ILE C 68 16.68 -18.99 12.56
C ILE C 68 16.06 -18.76 11.17
N SER C 69 16.72 -17.96 10.32
CA SER C 69 16.19 -17.61 8.98
C SER C 69 16.71 -18.48 7.83
N ASP C 70 17.82 -19.19 8.05
CA ASP C 70 18.42 -19.97 6.96
C ASP C 70 19.33 -21.08 7.51
N VAL C 71 19.52 -22.11 6.70
CA VAL C 71 20.40 -23.22 7.06
C VAL C 71 21.03 -23.71 5.75
N ALA C 72 22.24 -24.27 5.82
CA ALA C 72 22.91 -24.75 4.60
C ALA C 72 23.86 -25.90 4.94
N TRP C 73 24.07 -26.81 3.99
CA TRP C 73 24.90 -28.01 4.20
C TRP C 73 26.33 -27.86 3.66
N SER C 74 27.29 -28.52 4.29
CA SER C 74 28.62 -28.65 3.70
C SER C 74 28.56 -29.70 2.58
N SER C 75 29.52 -29.66 1.67
CA SER C 75 29.50 -30.54 0.51
C SER C 75 29.54 -32.04 0.88
N ASP C 76 30.16 -32.38 2.00
CA ASP C 76 30.24 -33.78 2.40
C ASP C 76 29.07 -34.22 3.29
N SER C 77 28.07 -33.36 3.41
CA SER C 77 26.87 -33.63 4.21
C SER C 77 27.11 -33.82 5.70
N ASN C 78 28.31 -33.48 6.20
CA ASN C 78 28.60 -33.70 7.61
C ASN C 78 28.30 -32.51 8.51
N LEU C 79 28.29 -31.32 7.92
CA LEU C 79 28.10 -30.09 8.67
C LEU C 79 26.89 -29.32 8.20
N LEU C 80 26.31 -28.53 9.10
CA LEU C 80 25.33 -27.52 8.73
C LEU C 80 25.82 -26.18 9.25
N VAL C 81 25.41 -25.10 8.59
CA VAL C 81 25.57 -23.77 9.19
C VAL C 81 24.19 -23.10 9.21
N SER C 82 23.89 -22.36 10.28
CA SER C 82 22.58 -21.75 10.47
C SER C 82 22.73 -20.24 10.68
N ALA C 83 21.74 -19.47 10.22
CA ALA C 83 21.77 -18.01 10.36
C ALA C 83 20.61 -17.54 11.23
N SER C 84 20.92 -16.82 12.31
CA SER C 84 19.94 -16.55 13.36
C SER C 84 19.75 -15.07 13.70
N ASP C 85 18.54 -14.74 14.18
CA ASP C 85 18.24 -13.42 14.73
C ASP C 85 19.16 -13.06 15.91
N ASP C 86 19.79 -14.07 16.54
CA ASP C 86 20.70 -13.83 17.66
C ASP C 86 22.06 -13.27 17.25
N LYS C 87 22.14 -12.84 15.98
CA LYS C 87 23.32 -12.18 15.41
C LYS C 87 24.49 -13.12 15.12
N THR C 88 24.29 -14.42 15.33
CA THR C 88 25.37 -15.38 15.10
C THR C 88 25.02 -16.37 13.99
N LEU C 89 26.05 -17.03 13.48
CA LEU C 89 25.86 -18.27 12.75
C LEU C 89 26.42 -19.40 13.61
N LYS C 90 25.92 -20.60 13.44
CA LYS C 90 26.52 -21.74 14.13
C LYS C 90 26.80 -22.85 13.14
N ILE C 91 27.97 -23.46 13.28
CA ILE C 91 28.37 -24.62 12.48
C ILE C 91 28.12 -25.85 13.33
N TRP C 92 27.34 -26.79 12.79
CA TRP C 92 26.92 -27.96 13.55
C TRP C 92 27.48 -29.24 12.95
N ASP C 93 27.87 -30.17 13.82
CA ASP C 93 28.18 -31.52 13.37
C ASP C 93 26.87 -32.30 13.37
N VAL C 94 26.41 -32.70 12.18
CA VAL C 94 25.08 -33.28 12.01
C VAL C 94 24.88 -34.60 12.77
N SER C 95 25.87 -35.48 12.71
CA SER C 95 25.75 -36.78 13.34
C SER C 95 25.53 -36.66 14.85
N SER C 96 26.23 -35.73 15.49
CA SER C 96 26.12 -35.57 16.94
C SER C 96 25.11 -34.50 17.36
N GLY C 97 24.84 -33.55 16.46
CA GLY C 97 23.97 -32.44 16.80
C GLY C 97 24.67 -31.34 17.59
N LYS C 98 25.99 -31.45 17.73
CA LYS C 98 26.73 -30.49 18.53
C LYS C 98 27.18 -29.27 17.75
N CYS C 99 27.15 -28.13 18.42
CA CYS C 99 27.67 -26.89 17.88
C CYS C 99 29.20 -26.90 17.95
N LEU C 100 29.84 -26.86 16.79
CA LEU C 100 31.30 -26.85 16.72
C LEU C 100 31.85 -25.46 16.93
N LYS C 101 31.22 -24.48 16.29
CA LYS C 101 31.67 -23.10 16.32
C LYS C 101 30.47 -22.18 16.28
N THR C 102 30.58 -21.07 16.99
CA THR C 102 29.61 -20.00 16.88
C THR C 102 30.30 -18.83 16.21
N LEU C 103 29.80 -18.43 15.03
CA LEU C 103 30.44 -17.40 14.22
C LEU C 103 29.90 -16.03 14.58
N LYS C 104 30.73 -15.23 15.25
CA LYS C 104 30.30 -13.95 15.80
C LYS C 104 30.96 -12.77 15.08
N GLY C 105 30.20 -11.68 14.92
CA GLY C 105 30.69 -10.51 14.23
C GLY C 105 29.59 -9.62 13.68
N HIS C 106 28.54 -10.24 13.15
CA HIS C 106 27.42 -9.46 12.62
C HIS C 106 26.80 -8.66 13.76
N SER C 107 26.16 -7.53 13.41
CA SER C 107 25.62 -6.65 14.42
C SER C 107 24.11 -6.51 14.30
N ASN C 108 23.50 -7.38 13.52
CA ASN C 108 22.05 -7.41 13.39
C ASN C 108 21.69 -8.81 12.91
N TYR C 109 20.40 -9.08 12.65
CA TYR C 109 20.00 -10.45 12.29
C TYR C 109 20.85 -11.00 11.15
N VAL C 110 21.24 -12.27 11.26
CA VAL C 110 21.89 -12.96 10.13
C VAL C 110 20.77 -13.63 9.35
N PHE C 111 20.70 -13.36 8.05
CA PHE C 111 19.52 -13.69 7.26
C PHE C 111 19.75 -14.88 6.32
N CYS C 112 20.98 -15.03 5.84
CA CYS C 112 21.28 -16.03 4.81
C CYS C 112 22.69 -16.55 4.93
N CYS C 113 22.91 -17.77 4.43
CA CYS C 113 24.22 -18.42 4.59
C CYS C 113 24.43 -19.54 3.57
N ASN C 114 25.68 -19.93 3.36
CA ASN C 114 26.02 -20.98 2.40
C ASN C 114 27.48 -21.38 2.54
N PHE C 115 27.80 -22.67 2.34
CA PHE C 115 29.20 -23.11 2.22
C PHE C 115 29.64 -22.94 0.78
N ASN C 116 30.95 -22.78 0.55
CA ASN C 116 31.47 -22.90 -0.82
C ASN C 116 31.58 -24.39 -1.17
N PRO C 117 31.77 -24.72 -2.46
CA PRO C 117 31.81 -26.15 -2.82
C PRO C 117 32.91 -26.94 -2.11
N GLN C 118 34.05 -26.30 -1.87
CA GLN C 118 35.15 -26.93 -1.15
C GLN C 118 34.79 -27.10 0.33
N SER C 119 33.94 -26.20 0.80
CA SER C 119 33.43 -26.20 2.18
C SER C 119 34.48 -25.83 3.21
N ASN C 120 35.53 -25.16 2.76
CA ASN C 120 36.46 -24.54 3.68
C ASN C 120 36.03 -23.11 4.05
N LEU C 121 35.00 -22.60 3.36
CA LEU C 121 34.50 -21.25 3.61
C LEU C 121 32.97 -21.19 3.81
N ILE C 122 32.52 -20.26 4.66
CA ILE C 122 31.10 -19.91 4.72
C ILE C 122 30.88 -18.45 4.33
N VAL C 123 29.81 -18.18 3.60
CA VAL C 123 29.41 -16.80 3.37
C VAL C 123 28.06 -16.52 4.06
N SER C 124 27.93 -15.31 4.61
CA SER C 124 26.72 -14.90 5.32
C SER C 124 26.28 -13.51 4.88
N GLY C 125 24.97 -13.27 4.91
CA GLY C 125 24.42 -11.95 4.65
C GLY C 125 23.55 -11.55 5.83
N SER C 126 23.51 -10.26 6.14
CA SER C 126 22.83 -9.82 7.37
C SER C 126 22.04 -8.53 7.18
N PHE C 127 21.08 -8.30 8.08
CA PHE C 127 20.37 -7.04 8.14
C PHE C 127 21.34 -5.87 8.44
N ASP C 128 22.56 -6.19 8.86
CA ASP C 128 23.56 -5.12 9.07
C ASP C 128 24.18 -4.61 7.77
N GLU C 129 23.69 -5.14 6.64
CA GLU C 129 24.04 -4.68 5.28
C GLU C 129 25.42 -5.16 4.80
N SER C 130 26.04 -6.03 5.60
CA SER C 130 27.33 -6.60 5.21
C SER C 130 27.21 -8.05 4.75
N VAL C 131 28.18 -8.48 3.95
CA VAL C 131 28.40 -9.88 3.63
C VAL C 131 29.71 -10.31 4.31
N ARG C 132 29.70 -11.42 5.03
CA ARG C 132 30.94 -11.89 5.66
C ARG C 132 31.39 -13.23 5.12
N ILE C 133 32.71 -13.42 5.07
CA ILE C 133 33.31 -14.68 4.63
C ILE C 133 34.13 -15.29 5.78
N TRP C 134 33.79 -16.52 6.17
CA TRP C 134 34.32 -17.15 7.37
C TRP C 134 35.18 -18.34 7.04
N ASP C 135 36.27 -18.53 7.79
CA ASP C 135 37.05 -19.74 7.67
C ASP C 135 36.39 -20.84 8.50
N VAL C 136 36.01 -21.94 7.86
CA VAL C 136 35.29 -23.02 8.54
C VAL C 136 36.17 -23.70 9.60
N LYS C 137 37.44 -23.88 9.26
CA LYS C 137 38.38 -24.60 10.13
C LYS C 137 38.64 -23.88 11.45
N THR C 138 38.81 -22.55 11.37
CA THR C 138 39.21 -21.76 12.53
C THR C 138 38.07 -20.92 13.10
N GLY C 139 37.02 -20.73 12.32
CA GLY C 139 35.89 -19.94 12.77
C GLY C 139 36.13 -18.46 12.65
N LYS C 140 37.27 -18.08 12.10
CA LYS C 140 37.60 -16.66 11.96
C LYS C 140 37.00 -16.03 10.71
N CYS C 141 36.55 -14.79 10.84
CA CYS C 141 36.02 -14.03 9.71
C CYS C 141 37.16 -13.47 8.86
N LEU C 142 37.26 -13.93 7.62
CA LEU C 142 38.32 -13.53 6.71
C LEU C 142 38.08 -12.16 6.09
N LYS C 143 36.83 -11.89 5.70
CA LYS C 143 36.49 -10.65 5.03
C LYS C 143 35.15 -10.14 5.52
N THR C 144 35.05 -8.82 5.69
CA THR C 144 33.77 -8.16 5.91
C THR C 144 33.55 -7.23 4.73
N LEU C 145 32.60 -7.59 3.86
CA LEU C 145 32.36 -6.80 2.65
C LEU C 145 31.27 -5.76 2.89
N PRO C 146 31.56 -4.48 2.58
CA PRO C 146 30.57 -3.40 2.70
C PRO C 146 29.65 -3.49 1.49
N ALA C 147 28.91 -4.59 1.44
CA ALA C 147 28.28 -5.05 0.20
C ALA C 147 27.11 -4.21 -0.30
N HIS C 148 26.27 -3.74 0.62
CA HIS C 148 25.01 -3.12 0.21
C HIS C 148 24.63 -1.96 1.15
N SER C 149 23.58 -1.23 0.78
CA SER C 149 23.08 -0.13 1.61
C SER C 149 21.71 -0.44 2.23
N ASP C 150 21.37 -1.73 2.32
CA ASP C 150 20.11 -2.19 2.89
C ASP C 150 20.33 -3.65 3.26
N PRO C 151 19.39 -4.27 3.99
CA PRO C 151 19.58 -5.67 4.37
C PRO C 151 19.92 -6.59 3.19
N VAL C 152 20.79 -7.56 3.46
CA VAL C 152 21.26 -8.52 2.45
C VAL C 152 20.36 -9.76 2.47
N SER C 153 19.66 -10.04 1.37
CA SER C 153 18.63 -11.07 1.37
C SER C 153 19.11 -12.49 1.00
N ALA C 154 20.21 -12.60 0.27
CA ALA C 154 20.70 -13.90 -0.18
C ALA C 154 22.19 -13.82 -0.49
N VAL C 155 22.90 -14.93 -0.29
CA VAL C 155 24.31 -15.06 -0.68
C VAL C 155 24.55 -16.48 -1.22
N HIS C 156 25.37 -16.61 -2.25
CA HIS C 156 25.58 -17.93 -2.88
C HIS C 156 26.93 -17.97 -3.59
N PHE C 157 27.68 -19.07 -3.43
CA PHE C 157 28.91 -19.30 -4.19
C PHE C 157 28.63 -19.92 -5.56
N ASN C 158 29.44 -19.60 -6.55
CA ASN C 158 29.34 -20.31 -7.83
C ASN C 158 30.02 -21.68 -7.77
N ARG C 159 29.98 -22.39 -8.90
CA ARG C 159 30.37 -23.81 -8.98
C ARG C 159 31.77 -24.12 -8.48
N ASP C 160 32.73 -23.23 -8.75
CA ASP C 160 34.10 -23.48 -8.30
C ASP C 160 34.50 -22.62 -7.11
N GLY C 161 33.54 -21.86 -6.58
CA GLY C 161 33.77 -21.10 -5.35
C GLY C 161 34.55 -19.82 -5.57
N SER C 162 34.86 -19.50 -6.82
CA SER C 162 35.65 -18.31 -7.12
C SER C 162 34.83 -17.02 -7.00
N LEU C 163 33.49 -17.15 -7.07
CA LEU C 163 32.61 -15.98 -7.04
C LEU C 163 31.51 -16.12 -5.97
N ILE C 164 31.07 -14.98 -5.44
CA ILE C 164 29.89 -14.92 -4.56
C ILE C 164 28.90 -13.95 -5.17
N VAL C 165 27.61 -14.32 -5.23
CA VAL C 165 26.58 -13.36 -5.63
C VAL C 165 25.77 -12.98 -4.39
N SER C 166 25.46 -11.69 -4.23
CA SER C 166 24.64 -11.22 -3.10
C SER C 166 23.48 -10.40 -3.64
N SER C 167 22.39 -10.34 -2.89
CA SER C 167 21.23 -9.51 -3.27
C SER C 167 20.79 -8.67 -2.08
N SER C 168 20.08 -7.57 -2.33
CA SER C 168 19.67 -6.71 -1.23
C SER C 168 18.40 -5.93 -1.52
N TYR C 169 17.72 -5.50 -0.45
CA TYR C 169 16.58 -4.59 -0.58
C TYR C 169 16.98 -3.27 -1.25
N ASP C 170 18.29 -3.01 -1.36
CA ASP C 170 18.75 -1.80 -2.05
C ASP C 170 18.52 -1.87 -3.56
N GLY C 171 18.06 -3.03 -4.03
CA GLY C 171 17.74 -3.23 -5.45
C GLY C 171 18.87 -3.80 -6.30
N LEU C 172 19.99 -4.11 -5.66
CA LEU C 172 21.19 -4.55 -6.39
C LEU C 172 21.46 -6.03 -6.22
N CYS C 173 21.94 -6.67 -7.29
CA CYS C 173 22.65 -7.94 -7.21
C CYS C 173 24.12 -7.62 -7.43
N ARG C 174 24.98 -8.15 -6.57
CA ARG C 174 26.42 -7.91 -6.73
C ARG C 174 27.20 -9.23 -6.72
N ILE C 175 28.26 -9.26 -7.53
CA ILE C 175 29.09 -10.44 -7.66
C ILE C 175 30.49 -10.08 -7.18
N TRP C 176 31.05 -10.91 -6.30
CA TRP C 176 32.29 -10.60 -5.60
C TRP C 176 33.35 -11.64 -5.90
N ASP C 177 34.60 -11.20 -5.99
CA ASP C 177 35.73 -12.12 -6.11
C ASP C 177 36.02 -12.69 -4.73
N THR C 178 35.89 -13.99 -4.57
CA THR C 178 36.03 -14.61 -3.26
C THR C 178 37.40 -14.34 -2.62
N ALA C 179 38.45 -14.42 -3.44
CA ALA C 179 39.81 -14.34 -2.92
C ALA C 179 40.22 -12.91 -2.58
N SER C 180 39.83 -11.96 -3.42
CA SER C 180 40.25 -10.56 -3.24
C SER C 180 39.22 -9.71 -2.50
N GLY C 181 37.95 -10.12 -2.54
CA GLY C 181 36.89 -9.36 -1.90
C GLY C 181 36.39 -8.20 -2.76
N GLN C 182 36.93 -8.08 -3.96
CA GLN C 182 36.55 -7.00 -4.86
C GLN C 182 35.15 -7.20 -5.45
N CYS C 183 34.38 -6.12 -5.57
CA CYS C 183 33.11 -6.18 -6.30
C CYS C 183 33.41 -6.20 -7.80
N LEU C 184 33.03 -7.29 -8.46
CA LEU C 184 33.34 -7.46 -9.87
C LEU C 184 32.22 -6.96 -10.76
N LYS C 185 31.00 -6.90 -10.24
CA LYS C 185 29.85 -6.58 -11.09
C LYS C 185 28.62 -6.21 -10.27
N THR C 186 27.87 -5.22 -10.74
CA THR C 186 26.59 -4.87 -10.15
C THR C 186 25.55 -5.04 -11.26
N LEU C 187 24.49 -5.79 -10.96
CA LEU C 187 23.44 -6.03 -11.96
C LEU C 187 22.14 -5.37 -11.52
N ILE C 188 21.52 -4.65 -12.44
CA ILE C 188 20.27 -3.97 -12.15
C ILE C 188 19.56 -3.69 -13.48
N ASP C 189 18.24 -3.85 -13.50
CA ASP C 189 17.46 -3.67 -14.73
C ASP C 189 17.02 -2.22 -14.89
N ASP C 190 15.88 -2.01 -15.56
CA ASP C 190 15.38 -0.65 -15.80
C ASP C 190 14.93 0.06 -14.52
N ASP C 191 14.41 -0.72 -13.57
CA ASP C 191 13.87 -0.20 -12.32
C ASP C 191 14.68 -0.76 -11.14
N ASN C 192 14.44 -0.26 -9.92
CA ASN C 192 15.18 -0.71 -8.73
C ASN C 192 14.35 -1.37 -7.60
N PRO C 193 13.47 -2.33 -7.91
CA PRO C 193 12.70 -2.92 -6.81
C PRO C 193 13.61 -3.75 -5.89
N PRO C 194 13.23 -3.91 -4.61
CA PRO C 194 14.05 -4.71 -3.68
C PRO C 194 14.31 -6.10 -4.23
N VAL C 195 15.56 -6.58 -4.17
CA VAL C 195 15.86 -7.95 -4.60
C VAL C 195 15.79 -8.89 -3.37
N SER C 196 14.96 -9.92 -3.46
CA SER C 196 14.65 -10.74 -2.30
C SER C 196 15.36 -12.08 -2.30
N PHE C 197 15.93 -12.45 -3.44
CA PHE C 197 16.64 -13.72 -3.55
C PHE C 197 17.56 -13.72 -4.75
N VAL C 198 18.65 -14.46 -4.65
CA VAL C 198 19.54 -14.60 -5.78
C VAL C 198 20.32 -15.91 -5.67
N LYS C 199 20.62 -16.54 -6.81
CA LYS C 199 21.52 -17.70 -6.80
C LYS C 199 22.06 -18.03 -8.19
N PHE C 200 23.25 -18.62 -8.23
CA PHE C 200 23.88 -19.04 -9.47
C PHE C 200 23.18 -20.28 -10.01
N SER C 201 23.15 -20.44 -11.33
CA SER C 201 22.72 -21.70 -11.95
C SER C 201 23.78 -22.78 -11.70
N PRO C 202 23.40 -24.07 -11.88
CA PRO C 202 24.38 -25.13 -11.60
C PRO C 202 25.70 -25.01 -12.40
N ASN C 203 25.65 -24.50 -13.62
CA ASN C 203 26.86 -24.35 -14.43
C ASN C 203 27.61 -23.04 -14.18
N GLY C 204 27.04 -22.19 -13.31
CA GLY C 204 27.69 -20.95 -12.94
C GLY C 204 27.56 -19.84 -13.97
N LYS C 205 26.82 -20.13 -15.05
CA LYS C 205 26.67 -19.19 -16.15
C LYS C 205 25.58 -18.14 -15.91
N TYR C 206 24.53 -18.53 -15.20
CA TYR C 206 23.39 -17.64 -15.03
C TYR C 206 23.17 -17.34 -13.57
N ILE C 207 22.40 -16.28 -13.31
CA ILE C 207 21.97 -15.95 -11.97
C ILE C 207 20.44 -15.84 -12.00
N LEU C 208 19.76 -16.46 -11.04
CA LEU C 208 18.30 -16.33 -10.95
C LEU C 208 18.04 -15.33 -9.83
N ALA C 209 17.30 -14.26 -10.10
CA ALA C 209 17.02 -13.25 -9.09
C ALA C 209 15.52 -13.00 -8.90
N ALA C 210 15.08 -12.94 -7.65
CA ALA C 210 13.69 -12.57 -7.35
C ALA C 210 13.61 -11.11 -6.91
N THR C 211 12.61 -10.38 -7.39
CA THR C 211 12.35 -9.03 -6.89
C THR C 211 10.91 -8.92 -6.37
N LEU C 212 10.68 -7.98 -5.45
CA LEU C 212 9.39 -7.88 -4.75
C LEU C 212 8.34 -7.16 -5.57
N ASP C 213 8.28 -7.51 -6.86
CA ASP C 213 7.25 -7.06 -7.78
C ASP C 213 6.73 -8.29 -8.53
N ASN C 214 6.58 -9.41 -7.80
CA ASN C 214 6.03 -10.64 -8.37
C ASN C 214 6.80 -11.20 -9.55
N THR C 215 8.12 -11.06 -9.54
CA THR C 215 8.88 -11.39 -10.74
C THR C 215 10.18 -12.13 -10.40
N LEU C 216 10.49 -13.17 -11.19
CA LEU C 216 11.81 -13.81 -11.16
C LEU C 216 12.48 -13.54 -12.49
N LYS C 217 13.81 -13.38 -12.48
CA LYS C 217 14.54 -13.09 -13.72
C LYS C 217 15.78 -13.95 -13.84
N LEU C 218 16.05 -14.41 -15.06
CA LEU C 218 17.26 -15.18 -15.33
C LEU C 218 18.24 -14.27 -16.04
N TRP C 219 19.40 -14.02 -15.40
CA TRP C 219 20.43 -13.14 -15.95
C TRP C 219 21.60 -13.93 -16.52
N ASP C 220 22.12 -13.50 -17.67
CA ASP C 220 23.43 -13.97 -18.11
C ASP C 220 24.49 -13.18 -17.33
N TYR C 221 25.32 -13.87 -16.56
CA TYR C 221 26.31 -13.17 -15.73
C TYR C 221 27.34 -12.41 -16.58
N SER C 222 28.02 -13.12 -17.49
CA SER C 222 29.06 -12.52 -18.33
C SER C 222 28.56 -11.33 -19.13
N LYS C 223 27.43 -11.51 -19.81
CA LYS C 223 26.88 -10.46 -20.66
C LYS C 223 26.18 -9.39 -19.85
N GLY C 224 25.80 -9.73 -18.62
CA GLY C 224 25.12 -8.80 -17.73
C GLY C 224 23.72 -8.42 -18.20
N LYS C 225 23.02 -9.37 -18.82
CA LYS C 225 21.70 -9.11 -19.38
C LYS C 225 20.62 -10.05 -18.86
N CYS C 226 19.44 -9.51 -18.61
CA CYS C 226 18.28 -10.35 -18.27
C CYS C 226 17.77 -11.06 -19.52
N LEU C 227 17.68 -12.38 -19.47
CA LEU C 227 17.32 -13.21 -20.61
C LEU C 227 15.85 -13.64 -20.57
N LYS C 228 15.37 -14.02 -19.39
CA LYS C 228 14.03 -14.55 -19.24
C LYS C 228 13.40 -14.06 -17.96
N THR C 229 12.08 -13.91 -17.96
CA THR C 229 11.36 -13.52 -16.75
C THR C 229 10.20 -14.48 -16.50
N TYR C 230 9.92 -14.74 -15.23
CA TYR C 230 8.88 -15.70 -14.85
C TYR C 230 7.91 -14.95 -13.97
N THR C 231 6.62 -15.00 -14.30
CA THR C 231 5.62 -14.21 -13.59
C THR C 231 4.34 -15.03 -13.41
N GLY C 232 3.36 -14.43 -12.74
CA GLY C 232 2.08 -15.08 -12.50
C GLY C 232 1.82 -15.36 -11.02
N HIS C 233 2.89 -15.39 -10.22
CA HIS C 233 2.79 -15.70 -8.80
C HIS C 233 2.67 -14.43 -7.96
N LYS C 234 2.68 -14.55 -6.64
CA LYS C 234 2.63 -13.37 -5.76
C LYS C 234 3.87 -13.29 -4.89
N ASN C 235 4.63 -12.20 -5.04
CA ASN C 235 5.81 -12.00 -4.19
C ASN C 235 6.04 -10.49 -4.00
N GLU C 236 5.52 -9.96 -2.89
CA GLU C 236 5.57 -8.53 -2.63
C GLU C 236 6.24 -8.19 -1.31
N LYS C 237 6.40 -9.20 -0.44
CA LYS C 237 6.72 -8.94 0.96
C LYS C 237 7.83 -9.80 1.59
N TYR C 238 8.02 -11.01 1.07
CA TYR C 238 8.91 -11.98 1.74
C TYR C 238 10.05 -12.44 0.86
N CYS C 239 11.14 -12.87 1.50
CA CYS C 239 12.30 -13.38 0.78
C CYS C 239 12.15 -14.88 0.56
N ILE C 240 11.63 -15.22 -0.61
CA ILE C 240 11.25 -16.59 -0.95
C ILE C 240 12.36 -17.29 -1.76
N PHE C 241 12.75 -18.51 -1.38
CA PHE C 241 13.78 -19.26 -2.11
C PHE C 241 13.27 -19.78 -3.44
N ALA C 242 14.07 -19.66 -4.49
CA ALA C 242 13.74 -20.25 -5.77
C ALA C 242 14.86 -21.21 -6.21
N ASN C 243 14.60 -22.05 -7.19
CA ASN C 243 15.55 -23.12 -7.53
C ASN C 243 15.58 -23.42 -9.02
N PHE C 244 16.70 -23.98 -9.47
CA PHE C 244 16.78 -24.64 -10.77
C PHE C 244 16.54 -26.11 -10.51
N SER C 245 15.50 -26.68 -11.11
CA SER C 245 15.27 -28.13 -11.04
C SER C 245 15.88 -28.78 -12.27
N VAL C 246 16.77 -29.74 -12.06
CA VAL C 246 17.53 -30.29 -13.17
C VAL C 246 17.55 -31.82 -13.21
N THR C 247 16.92 -32.47 -12.24
CA THR C 247 16.95 -33.93 -12.18
C THR C 247 16.08 -34.60 -13.24
N GLY C 248 15.07 -33.88 -13.71
CA GLY C 248 14.21 -34.34 -14.79
C GLY C 248 14.14 -33.28 -15.88
N GLY C 249 12.95 -32.79 -16.18
CA GLY C 249 12.82 -31.66 -17.09
C GLY C 249 13.44 -30.42 -16.46
N LYS C 250 13.65 -29.39 -17.27
CA LYS C 250 14.36 -28.20 -16.77
C LYS C 250 13.36 -27.14 -16.30
N TRP C 251 13.18 -27.04 -14.98
CA TRP C 251 12.18 -26.13 -14.42
C TRP C 251 12.79 -25.04 -13.54
N ILE C 252 12.02 -23.98 -13.36
CA ILE C 252 12.22 -23.01 -12.27
C ILE C 252 11.16 -23.30 -11.20
N VAL C 253 11.57 -23.40 -9.94
CA VAL C 253 10.66 -23.72 -8.83
C VAL C 253 10.73 -22.62 -7.78
N SER C 254 9.58 -22.15 -7.30
CA SER C 254 9.56 -21.08 -6.30
C SER C 254 8.35 -21.20 -5.39
N GLY C 255 8.45 -20.64 -4.19
CA GLY C 255 7.28 -20.47 -3.34
C GLY C 255 6.55 -19.21 -3.79
N SER C 256 5.43 -18.92 -3.13
CA SER C 256 4.59 -17.77 -3.48
C SER C 256 3.74 -17.40 -2.27
N GLU C 257 3.30 -16.13 -2.22
CA GLU C 257 2.59 -15.62 -1.05
C GLU C 257 1.10 -15.96 -1.11
N ASP C 258 0.72 -16.71 -2.13
CA ASP C 258 -0.66 -17.17 -2.21
C ASP C 258 -0.78 -18.64 -1.78
N ASN C 259 0.23 -19.13 -1.05
CA ASN C 259 0.26 -20.48 -0.45
C ASN C 259 0.56 -21.62 -1.42
N LEU C 260 1.01 -21.27 -2.62
CA LEU C 260 1.30 -22.28 -3.65
C LEU C 260 2.79 -22.43 -3.96
N VAL C 261 3.17 -23.62 -4.46
CA VAL C 261 4.47 -23.79 -5.11
C VAL C 261 4.26 -23.64 -6.61
N TYR C 262 4.99 -22.72 -7.24
CA TYR C 262 4.92 -22.54 -8.68
C TYR C 262 6.08 -23.24 -9.38
N ILE C 263 5.80 -23.89 -10.51
CA ILE C 263 6.85 -24.46 -11.34
C ILE C 263 6.69 -23.90 -12.75
N TRP C 264 7.78 -23.36 -13.30
CA TRP C 264 7.78 -22.83 -14.67
C TRP C 264 8.69 -23.66 -15.55
N ASN C 265 8.36 -23.73 -16.84
CA ASN C 265 9.29 -24.27 -17.83
C ASN C 265 10.40 -23.24 -18.02
N LEU C 266 11.65 -23.64 -17.79
CA LEU C 266 12.76 -22.67 -17.84
C LEU C 266 12.87 -21.98 -19.20
N GLN C 267 12.73 -22.73 -20.28
CA GLN C 267 12.88 -22.16 -21.62
C GLN C 267 11.69 -21.31 -22.07
N THR C 268 10.48 -21.83 -21.89
CA THR C 268 9.28 -21.18 -22.42
C THR C 268 8.71 -20.13 -21.47
N LYS C 269 9.09 -20.21 -20.19
CA LYS C 269 8.61 -19.27 -19.16
C LYS C 269 7.13 -19.50 -18.81
N GLU C 270 6.56 -20.57 -19.33
CA GLU C 270 5.17 -20.92 -19.02
C GLU C 270 5.04 -21.64 -17.67
N ILE C 271 4.04 -21.26 -16.88
CA ILE C 271 3.74 -22.02 -15.66
C ILE C 271 3.28 -23.41 -16.06
N VAL C 272 3.88 -24.45 -15.47
CA VAL C 272 3.49 -25.83 -15.80
C VAL C 272 2.83 -26.57 -14.64
N GLN C 273 3.10 -26.14 -13.42
CA GLN C 273 2.42 -26.72 -12.25
C GLN C 273 2.28 -25.70 -11.12
N LYS C 274 1.20 -25.83 -10.36
CA LYS C 274 1.04 -25.09 -9.11
C LYS C 274 0.62 -26.09 -8.04
N LEU C 275 1.44 -26.26 -7.01
CA LEU C 275 1.16 -27.31 -6.04
C LEU C 275 0.34 -26.73 -4.86
N GLN C 276 -0.83 -27.31 -4.62
CA GLN C 276 -1.71 -26.88 -3.51
C GLN C 276 -1.64 -27.79 -2.29
N GLY C 277 -1.75 -27.19 -1.11
CA GLY C 277 -1.70 -27.95 0.13
C GLY C 277 -1.36 -27.09 1.33
N HIS C 278 -0.44 -26.15 1.14
CA HIS C 278 -0.04 -25.28 2.25
C HIS C 278 -1.15 -24.28 2.57
N THR C 279 -1.16 -23.80 3.82
CA THR C 279 -2.22 -22.88 4.24
C THR C 279 -1.69 -21.50 4.64
N ASP C 280 -0.42 -21.26 4.37
CA ASP C 280 0.18 -19.93 4.59
C ASP C 280 1.27 -19.75 3.52
N VAL C 281 1.95 -18.62 3.54
CA VAL C 281 2.98 -18.31 2.55
C VAL C 281 4.04 -19.41 2.42
N VAL C 282 4.32 -19.84 1.19
CA VAL C 282 5.39 -20.80 0.96
C VAL C 282 6.69 -20.04 0.82
N ILE C 283 7.46 -20.01 1.91
CA ILE C 283 8.69 -19.21 2.02
C ILE C 283 9.90 -19.91 1.38
N SER C 284 9.88 -21.24 1.34
CA SER C 284 11.07 -21.96 0.89
C SER C 284 10.72 -23.17 0.07
N THR C 285 11.48 -23.38 -1.01
CA THR C 285 11.40 -24.61 -1.77
C THR C 285 12.82 -25.10 -1.97
N ALA C 286 13.00 -26.42 -2.11
CA ALA C 286 14.31 -27.00 -2.38
C ALA C 286 14.16 -28.20 -3.30
N CYS C 287 15.20 -28.48 -4.09
CA CYS C 287 15.16 -29.59 -5.04
C CYS C 287 16.21 -30.66 -4.69
N HIS C 288 15.78 -31.92 -4.62
CA HIS C 288 16.69 -33.03 -4.30
C HIS C 288 17.81 -33.12 -5.34
N PRO C 289 19.05 -33.44 -4.90
CA PRO C 289 20.17 -33.35 -5.84
C PRO C 289 20.19 -34.44 -6.93
N THR C 290 19.54 -35.57 -6.70
CA THR C 290 19.56 -36.65 -7.71
C THR C 290 18.18 -37.16 -8.14
N GLU C 291 17.17 -37.01 -7.28
CA GLU C 291 15.83 -37.52 -7.58
C GLU C 291 14.81 -36.38 -7.73
N ASN C 292 13.74 -36.62 -8.48
CA ASN C 292 12.70 -35.60 -8.65
C ASN C 292 11.85 -35.46 -7.39
N ILE C 293 12.37 -34.74 -6.41
CA ILE C 293 11.68 -34.50 -5.15
C ILE C 293 11.84 -33.01 -4.83
N ILE C 294 10.71 -32.37 -4.52
CA ILE C 294 10.70 -30.97 -4.06
C ILE C 294 10.27 -30.92 -2.59
N ALA C 295 10.97 -30.12 -1.79
CA ALA C 295 10.56 -29.83 -0.43
C ALA C 295 10.05 -28.42 -0.39
N SER C 296 8.94 -28.19 0.30
CA SER C 296 8.42 -26.83 0.47
C SER C 296 8.14 -26.57 1.95
N ALA C 297 8.19 -25.31 2.37
CA ALA C 297 7.90 -25.00 3.77
C ALA C 297 7.13 -23.69 3.87
N ALA C 298 6.28 -23.58 4.90
CA ALA C 298 5.38 -22.43 5.01
C ALA C 298 5.48 -21.68 6.34
N LEU C 299 4.90 -20.49 6.39
CA LEU C 299 5.00 -19.62 7.55
C LEU C 299 4.04 -20.02 8.70
N GLU C 300 3.89 -19.14 9.68
CA GLU C 300 3.39 -19.55 11.01
C GLU C 300 1.95 -20.04 11.10
N ASN C 301 1.08 -19.66 10.17
CA ASN C 301 -0.28 -20.20 10.17
C ASN C 301 -0.36 -21.64 9.68
N ASP C 302 0.75 -22.13 9.12
CA ASP C 302 0.85 -23.49 8.56
C ASP C 302 1.81 -24.35 9.39
N LYS C 303 3.07 -23.92 9.46
CA LYS C 303 4.14 -24.58 10.25
C LYS C 303 4.64 -25.92 9.71
N THR C 304 4.17 -26.33 8.53
CA THR C 304 4.59 -27.64 7.99
C THR C 304 5.52 -27.58 6.78
N ILE C 305 6.18 -28.70 6.56
CA ILE C 305 7.04 -28.92 5.40
C ILE C 305 6.39 -30.01 4.59
N LYS C 306 6.45 -29.89 3.28
CA LYS C 306 5.86 -30.92 2.44
C LYS C 306 6.88 -31.46 1.46
N LEU C 307 6.83 -32.77 1.23
CA LEU C 307 7.66 -33.41 0.21
C LEU C 307 6.76 -33.86 -0.93
N TRP C 308 7.10 -33.40 -2.14
CA TRP C 308 6.35 -33.70 -3.36
C TRP C 308 7.26 -34.49 -4.29
N LYS C 309 6.72 -35.49 -5.00
CA LYS C 309 7.53 -36.30 -5.91
C LYS C 309 6.88 -36.42 -7.29
N SER C 310 7.73 -36.54 -8.32
CA SER C 310 7.30 -36.55 -9.72
C SER C 310 8.09 -37.56 -10.58
N ASP C 311 7.53 -37.93 -11.73
CA ASP C 311 8.19 -38.86 -12.64
C ASP C 311 9.18 -38.19 -13.59
N CYS C 312 9.03 -36.88 -13.78
CA CYS C 312 9.98 -36.12 -14.59
C CYS C 312 10.24 -34.75 -13.98
N ILE D 1 -26.53 -8.97 2.45
CA ILE D 1 -26.05 -7.58 2.54
C ILE D 1 -24.53 -7.50 2.43
N ASN D 2 -24.04 -6.65 1.53
CA ASN D 2 -22.60 -6.42 1.40
C ASN D 2 -22.18 -5.26 2.30
N PRO D 3 -21.32 -5.55 3.30
CA PRO D 3 -20.91 -4.56 4.31
C PRO D 3 -20.30 -3.31 3.71
N THR D 4 -19.54 -3.44 2.62
CA THR D 4 -18.94 -2.26 1.99
C THR D 4 -19.96 -1.42 1.26
N GLY D 5 -21.12 -2.00 0.93
CA GLY D 5 -22.17 -1.24 0.27
C GLY D 5 -22.54 -1.71 -1.13
N CYS D 6 -21.63 -2.44 -1.81
CA CYS D 6 -21.97 -3.01 -3.12
C CYS D 6 -21.14 -4.27 -3.39
N ALA D 7 -21.64 -5.11 -4.28
CA ALA D 7 -20.99 -6.38 -4.58
C ALA D 7 -19.56 -6.23 -5.11
N ARG D 8 -19.32 -5.26 -5.98
CA ARG D 8 -18.00 -5.17 -6.61
C ARG D 8 -16.93 -4.80 -5.61
N SER D 9 -17.30 -4.08 -4.56
CA SER D 9 -16.29 -3.68 -3.57
C SER D 9 -16.02 -4.74 -2.47
N GLU D 10 -16.67 -5.90 -2.56
CA GLU D 10 -16.35 -7.05 -1.68
C GLU D 10 -15.35 -7.99 -2.34
N PRO D 11 -14.41 -8.55 -1.55
CA PRO D 11 -13.48 -9.54 -2.11
C PRO D 11 -14.20 -10.88 -2.31
N LYS D 12 -13.78 -11.64 -3.32
CA LYS D 12 -14.35 -12.95 -3.55
C LYS D 12 -13.67 -13.93 -2.63
N ILE D 13 -14.47 -14.68 -1.87
CA ILE D 13 -13.97 -15.67 -0.91
C ILE D 13 -14.12 -17.07 -1.49
N ILE E 1 9.37 31.29 -1.62
CA ILE E 1 9.58 32.03 -0.38
C ILE E 1 8.27 32.63 0.14
N ASN E 2 7.94 32.37 1.40
CA ASN E 2 6.76 32.96 2.03
C ASN E 2 7.12 34.30 2.67
N PRO E 3 6.51 35.40 2.18
CA PRO E 3 6.84 36.77 2.61
C PRO E 3 6.74 36.97 4.11
N THR E 4 5.75 36.33 4.73
CA THR E 4 5.58 36.44 6.18
C THR E 4 6.67 35.71 6.95
N GLY E 5 7.30 34.73 6.32
CA GLY E 5 8.35 33.99 7.00
C GLY E 5 8.09 32.50 7.20
N CYS E 6 6.82 32.08 7.19
CA CYS E 6 6.52 30.65 7.27
C CYS E 6 5.21 30.33 6.58
N ALA E 7 5.06 29.08 6.16
CA ALA E 7 3.88 28.64 5.42
C ALA E 7 2.56 28.89 6.16
N ARG E 8 2.55 28.62 7.47
CA ARG E 8 1.27 28.68 8.20
C ARG E 8 0.76 30.10 8.30
N SER E 9 1.67 31.07 8.27
CA SER E 9 1.24 32.47 8.39
C SER E 9 0.82 33.12 7.05
N GLU E 10 0.86 32.37 5.95
CA GLU E 10 0.34 32.85 4.67
C GLU E 10 -1.10 32.38 4.45
N PRO E 11 -1.94 33.24 3.84
CA PRO E 11 -3.32 32.82 3.55
C PRO E 11 -3.37 31.88 2.36
N LYS E 12 -4.33 30.98 2.33
CA LYS E 12 -4.46 30.05 1.21
C LYS E 12 -5.24 30.72 0.09
N ILE E 13 -4.63 30.78 -1.09
CA ILE E 13 -5.27 31.41 -2.25
C ILE E 13 -5.75 30.34 -3.25
N ILE F 1 13.31 -6.79 17.82
CA ILE F 1 12.67 -8.09 18.01
C ILE F 1 11.57 -8.37 16.98
N ASN F 2 11.68 -9.52 16.30
CA ASN F 2 10.68 -9.94 15.34
C ASN F 2 9.64 -10.83 16.02
N PRO F 3 8.37 -10.37 16.05
CA PRO F 3 7.27 -11.06 16.73
C PRO F 3 7.09 -12.51 16.28
N THR F 4 7.30 -12.78 14.99
CA THR F 4 7.17 -14.15 14.51
C THR F 4 8.30 -15.07 14.97
N GLY F 5 9.45 -14.48 15.33
CA GLY F 5 10.55 -15.28 15.82
C GLY F 5 11.83 -15.19 14.99
N CYS F 6 11.72 -14.80 13.73
CA CYS F 6 12.91 -14.62 12.88
C CYS F 6 12.63 -13.61 11.77
N ALA F 7 13.69 -13.01 11.25
CA ALA F 7 13.58 -11.98 10.23
C ALA F 7 12.88 -12.45 8.94
N ARG F 8 13.16 -13.68 8.51
CA ARG F 8 12.61 -14.13 7.22
C ARG F 8 11.11 -14.29 7.29
N SER F 9 10.57 -14.59 8.47
CA SER F 9 9.13 -14.78 8.58
C SER F 9 8.33 -13.50 8.83
N GLU F 10 8.99 -12.35 8.89
CA GLU F 10 8.30 -11.05 8.95
C GLU F 10 8.16 -10.45 7.55
N PRO F 11 7.01 -9.81 7.25
CA PRO F 11 6.80 -9.16 5.95
C PRO F 11 7.61 -7.86 5.86
N LYS F 12 8.04 -7.49 4.66
CA LYS F 12 8.79 -6.26 4.48
C LYS F 12 7.81 -5.11 4.35
N ILE F 13 7.95 -4.10 5.21
CA ILE F 13 7.05 -2.94 5.24
C ILE F 13 7.76 -1.70 4.72
#